data_2MGV
#
_entry.id   2MGV
#
_entity_poly.entity_id   1
_entity_poly.type   'polypeptide(L)'
_entity_poly.pdbx_seq_one_letter_code
;GSRVPSVAGLDVDAARQRLKDAGFQVADQTNSVNSSAKYGEVVGTSPSGQTIPGSIVTIQISNGI
;
_entity_poly.pdbx_strand_id   A
#
# COMPACT_ATOMS: atom_id res chain seq x y z
N GLY A 1 16.36 5.95 5.22
CA GLY A 1 16.62 4.72 4.49
C GLY A 1 15.58 4.46 3.42
N SER A 2 15.97 4.63 2.17
CA SER A 2 15.06 4.42 1.04
C SER A 2 14.93 2.94 0.72
N ARG A 3 13.89 2.31 1.23
CA ARG A 3 13.65 0.90 1.00
C ARG A 3 12.29 0.47 1.57
N VAL A 4 11.22 0.82 0.85
CA VAL A 4 9.87 0.48 1.29
C VAL A 4 9.63 -1.02 1.19
N PRO A 5 9.05 -1.60 2.25
CA PRO A 5 8.75 -3.04 2.32
C PRO A 5 7.62 -3.43 1.36
N SER A 6 7.72 -4.64 0.80
CA SER A 6 6.70 -5.14 -0.12
C SER A 6 5.51 -5.70 0.63
N VAL A 7 4.35 -5.08 0.44
CA VAL A 7 3.13 -5.52 1.11
C VAL A 7 2.12 -6.07 0.10
N ALA A 8 2.57 -6.22 -1.15
CA ALA A 8 1.71 -6.73 -2.21
C ALA A 8 1.13 -8.10 -1.83
N GLY A 9 -0.19 -8.22 -1.90
CA GLY A 9 -0.84 -9.48 -1.56
C GLY A 9 -1.33 -9.50 -0.14
N LEU A 10 -0.82 -8.60 0.69
CA LEU A 10 -1.21 -8.52 2.09
C LEU A 10 -2.41 -7.61 2.27
N ASP A 11 -2.81 -7.40 3.52
CA ASP A 11 -3.95 -6.54 3.83
C ASP A 11 -3.51 -5.09 3.99
N VAL A 12 -4.44 -4.17 3.76
CA VAL A 12 -4.14 -2.74 3.87
C VAL A 12 -3.67 -2.39 5.29
N ASP A 13 -4.39 -2.90 6.29
CA ASP A 13 -4.03 -2.64 7.68
C ASP A 13 -2.59 -3.03 7.96
N ALA A 14 -2.13 -4.09 7.29
CA ALA A 14 -0.76 -4.56 7.47
C ALA A 14 0.23 -3.68 6.74
N ALA A 15 -0.14 -3.26 5.53
CA ALA A 15 0.72 -2.40 4.72
C ALA A 15 0.91 -1.04 5.39
N ARG A 16 -0.11 -0.59 6.11
CA ARG A 16 -0.07 0.70 6.79
C ARG A 16 0.87 0.64 8.00
N GLN A 17 0.89 -0.50 8.68
CA GLN A 17 1.74 -0.68 9.85
C GLN A 17 3.21 -0.78 9.44
N ARG A 18 3.45 -1.35 8.27
CA ARG A 18 4.81 -1.50 7.76
C ARG A 18 5.46 -0.14 7.50
N LEU A 19 4.72 0.72 6.79
CA LEU A 19 5.22 2.05 6.47
C LEU A 19 5.58 2.82 7.73
N LYS A 20 4.66 2.84 8.70
CA LYS A 20 4.90 3.53 9.96
C LYS A 20 6.13 2.99 10.67
N ASP A 21 6.39 1.70 10.48
CA ASP A 21 7.54 1.06 11.10
C ASP A 21 8.85 1.55 10.47
N ALA A 22 8.77 1.97 9.21
CA ALA A 22 9.94 2.47 8.50
C ALA A 22 10.01 3.98 8.55
N GLY A 23 9.11 4.60 9.32
CA GLY A 23 9.09 6.04 9.44
C GLY A 23 8.37 6.71 8.27
N PHE A 24 7.53 5.95 7.59
CA PHE A 24 6.79 6.47 6.44
C PHE A 24 5.42 7.00 6.87
N GLN A 25 4.69 7.60 5.94
CA GLN A 25 3.37 8.14 6.23
C GLN A 25 2.32 7.49 5.34
N VAL A 26 1.08 7.51 5.81
CA VAL A 26 -0.04 6.92 5.06
C VAL A 26 -1.02 7.99 4.59
N ALA A 27 -1.44 7.89 3.34
CA ALA A 27 -2.38 8.85 2.76
C ALA A 27 -3.81 8.52 3.18
N ASP A 28 -4.69 9.51 3.09
CA ASP A 28 -6.09 9.32 3.45
C ASP A 28 -6.91 8.89 2.24
N GLN A 29 -6.57 9.45 1.08
CA GLN A 29 -7.28 9.13 -0.16
C GLN A 29 -6.83 7.77 -0.70
N THR A 30 -7.81 6.89 -0.96
CA THR A 30 -7.51 5.57 -1.48
C THR A 30 -8.25 5.31 -2.78
N ASN A 31 -7.69 4.45 -3.63
CA ASN A 31 -8.30 4.13 -4.91
C ASN A 31 -8.59 2.63 -5.00
N SER A 32 -9.81 2.30 -5.42
CA SER A 32 -10.22 0.91 -5.55
C SER A 32 -10.46 0.54 -7.01
N VAL A 33 -9.96 -0.62 -7.42
CA VAL A 33 -10.11 -1.08 -8.79
C VAL A 33 -10.71 -2.48 -8.83
N ASN A 34 -11.52 -2.75 -9.86
CA ASN A 34 -12.16 -4.05 -10.02
C ASN A 34 -11.21 -5.05 -10.64
N SER A 35 -11.22 -6.28 -10.12
CA SER A 35 -10.35 -7.34 -10.62
C SER A 35 -10.82 -8.70 -10.15
N SER A 36 -9.99 -9.72 -10.38
CA SER A 36 -10.33 -11.08 -9.97
C SER A 36 -9.71 -11.41 -8.61
N ALA A 37 -9.44 -10.37 -7.83
CA ALA A 37 -8.85 -10.54 -6.51
C ALA A 37 -9.88 -10.26 -5.41
N LYS A 38 -9.49 -10.48 -4.17
CA LYS A 38 -10.37 -10.26 -3.03
C LYS A 38 -10.28 -8.81 -2.56
N TYR A 39 -11.43 -8.14 -2.51
CA TYR A 39 -11.47 -6.74 -2.07
C TYR A 39 -10.76 -6.57 -0.74
N GLY A 40 -9.97 -5.51 -0.63
CA GLY A 40 -9.25 -5.24 0.59
C GLY A 40 -7.78 -5.61 0.50
N GLU A 41 -7.45 -6.45 -0.47
CA GLU A 41 -6.07 -6.89 -0.67
C GLU A 41 -5.27 -5.84 -1.43
N VAL A 42 -4.11 -5.49 -0.89
CA VAL A 42 -3.24 -4.49 -1.53
C VAL A 42 -2.50 -5.08 -2.72
N VAL A 43 -2.85 -4.62 -3.91
CA VAL A 43 -2.21 -5.11 -5.14
C VAL A 43 -1.57 -3.96 -5.91
N GLY A 44 -2.03 -2.74 -5.64
CA GLY A 44 -1.49 -1.58 -6.32
C GLY A 44 -1.21 -0.43 -5.37
N THR A 45 0.03 0.03 -5.37
CA THR A 45 0.43 1.14 -4.49
C THR A 45 1.25 2.17 -5.26
N SER A 46 1.36 3.37 -4.69
CA SER A 46 2.12 4.44 -5.31
C SER A 46 3.60 4.09 -5.40
N PRO A 47 4.22 3.85 -4.23
CA PRO A 47 5.65 3.49 -4.14
C PRO A 47 5.93 2.11 -4.70
N SER A 48 7.17 1.87 -5.11
CA SER A 48 7.57 0.59 -5.65
C SER A 48 8.95 0.18 -5.13
N GLY A 49 8.99 -0.93 -4.40
CA GLY A 49 10.25 -1.41 -3.84
C GLY A 49 10.93 -0.37 -2.98
N GLN A 50 11.96 0.26 -3.52
CA GLN A 50 12.70 1.28 -2.78
C GLN A 50 12.13 2.67 -3.04
N THR A 51 11.48 3.23 -2.03
CA THR A 51 10.89 4.57 -2.15
C THR A 51 11.38 5.48 -1.04
N ILE A 52 11.70 6.72 -1.41
CA ILE A 52 12.18 7.70 -0.44
C ILE A 52 11.02 8.44 0.22
N PRO A 53 11.08 8.57 1.56
CA PRO A 53 10.04 9.25 2.33
C PRO A 53 10.03 10.75 2.09
N GLY A 54 8.83 11.30 1.90
CA GLY A 54 8.71 12.73 1.66
C GLY A 54 7.55 13.07 0.73
N SER A 55 7.03 12.04 0.05
CA SER A 55 5.91 12.23 -0.87
C SER A 55 4.63 11.63 -0.31
N ILE A 56 3.62 11.50 -1.17
CA ILE A 56 2.35 10.94 -0.76
C ILE A 56 2.22 9.49 -1.21
N VAL A 57 1.93 8.61 -0.27
CA VAL A 57 1.76 7.19 -0.58
C VAL A 57 0.31 6.76 -0.50
N THR A 58 -0.24 6.32 -1.64
CA THR A 58 -1.62 5.90 -1.70
C THR A 58 -1.73 4.38 -1.85
N ILE A 59 -2.51 3.75 -1.00
CA ILE A 59 -2.70 2.31 -1.04
C ILE A 59 -3.97 1.93 -1.79
N GLN A 60 -3.82 1.17 -2.86
CA GLN A 60 -4.96 0.74 -3.66
C GLN A 60 -5.14 -0.77 -3.58
N ILE A 61 -6.40 -1.20 -3.58
CA ILE A 61 -6.72 -2.63 -3.51
C ILE A 61 -7.59 -3.06 -4.68
N SER A 62 -7.67 -4.37 -4.90
CA SER A 62 -8.47 -4.91 -6.00
C SER A 62 -9.74 -5.57 -5.46
N ASN A 63 -10.88 -5.04 -5.88
CA ASN A 63 -12.17 -5.57 -5.45
C ASN A 63 -12.76 -6.52 -6.50
N GLY A 64 -12.93 -7.79 -6.12
CA GLY A 64 -13.47 -8.77 -7.04
C GLY A 64 -14.69 -9.47 -6.48
N ILE A 65 -14.72 -9.64 -5.16
CA ILE A 65 -15.84 -10.31 -4.50
C ILE A 65 -17.17 -9.67 -4.89
N GLY A 1 16.58 3.30 5.79
CA GLY A 1 15.93 4.51 5.34
C GLY A 1 15.10 4.29 4.08
N SER A 2 15.73 4.45 2.93
CA SER A 2 15.04 4.27 1.65
C SER A 2 14.89 2.80 1.31
N ARG A 3 13.76 2.21 1.73
CA ARG A 3 13.49 0.80 1.48
C ARG A 3 12.11 0.42 1.98
N VAL A 4 11.09 0.74 1.20
CA VAL A 4 9.71 0.43 1.57
C VAL A 4 9.45 -1.07 1.50
N PRO A 5 8.81 -1.61 2.56
CA PRO A 5 8.49 -3.04 2.65
C PRO A 5 7.41 -3.45 1.65
N SER A 6 7.54 -4.66 1.12
CA SER A 6 6.57 -5.17 0.17
C SER A 6 5.35 -5.74 0.87
N VAL A 7 4.19 -5.13 0.61
CA VAL A 7 2.94 -5.58 1.22
C VAL A 7 2.00 -6.16 0.18
N ALA A 8 2.50 -6.33 -1.04
CA ALA A 8 1.70 -6.89 -2.13
C ALA A 8 1.12 -8.24 -1.75
N GLY A 9 -0.21 -8.37 -1.84
CA GLY A 9 -0.86 -9.61 -1.51
C GLY A 9 -1.29 -9.67 -0.06
N LEU A 10 -0.71 -8.79 0.76
CA LEU A 10 -1.04 -8.75 2.18
C LEU A 10 -2.27 -7.87 2.43
N ASP A 11 -2.61 -7.69 3.69
CA ASP A 11 -3.76 -6.87 4.06
C ASP A 11 -3.36 -5.41 4.22
N VAL A 12 -4.33 -4.51 3.98
CA VAL A 12 -4.07 -3.07 4.09
C VAL A 12 -3.66 -2.69 5.51
N ASP A 13 -4.40 -3.22 6.49
CA ASP A 13 -4.12 -2.92 7.89
C ASP A 13 -2.67 -3.25 8.23
N ALA A 14 -2.15 -4.32 7.63
CA ALA A 14 -0.78 -4.74 7.87
C ALA A 14 0.21 -3.83 7.14
N ALA A 15 -0.14 -3.46 5.92
CA ALA A 15 0.71 -2.60 5.10
C ALA A 15 0.82 -1.21 5.72
N ARG A 16 -0.22 -0.79 6.43
CA ARG A 16 -0.24 0.52 7.06
C ARG A 16 0.69 0.55 8.28
N GLN A 17 0.74 -0.57 9.00
CA GLN A 17 1.58 -0.67 10.19
C GLN A 17 3.05 -0.74 9.80
N ARG A 18 3.34 -1.34 8.64
CA ARG A 18 4.71 -1.46 8.16
C ARG A 18 5.30 -0.10 7.83
N LEU A 19 4.54 0.71 7.10
CA LEU A 19 5.00 2.04 6.71
C LEU A 19 5.31 2.88 7.95
N LYS A 20 4.39 2.90 8.90
CA LYS A 20 4.58 3.66 10.13
C LYS A 20 5.84 3.19 10.88
N ASP A 21 6.14 1.90 10.75
CA ASP A 21 7.31 1.33 11.41
C ASP A 21 8.60 1.84 10.77
N ALA A 22 8.52 2.21 9.49
CA ALA A 22 9.68 2.71 8.77
C ALA A 22 9.69 4.24 8.76
N GLY A 23 8.76 4.84 9.49
CA GLY A 23 8.68 6.29 9.55
C GLY A 23 7.97 6.88 8.35
N PHE A 24 7.17 6.06 7.68
CA PHE A 24 6.43 6.51 6.51
C PHE A 24 5.04 7.02 6.89
N GLN A 25 4.32 7.56 5.91
CA GLN A 25 2.98 8.07 6.15
C GLN A 25 1.95 7.35 5.29
N VAL A 26 0.70 7.38 5.72
CA VAL A 26 -0.38 6.72 4.99
C VAL A 26 -1.45 7.73 4.56
N ALA A 27 -1.45 8.07 3.29
CA ALA A 27 -2.43 9.02 2.75
C ALA A 27 -3.85 8.59 3.09
N ASP A 28 -4.79 9.53 3.00
CA ASP A 28 -6.19 9.25 3.29
C ASP A 28 -6.93 8.81 2.03
N GLN A 29 -6.58 9.43 0.91
CA GLN A 29 -7.22 9.11 -0.37
C GLN A 29 -6.77 7.74 -0.87
N THR A 30 -7.74 6.86 -1.10
CA THR A 30 -7.45 5.52 -1.59
C THR A 30 -8.19 5.23 -2.89
N ASN A 31 -7.62 4.35 -3.71
CA ASN A 31 -8.22 3.99 -4.99
C ASN A 31 -8.52 2.49 -5.03
N SER A 32 -9.74 2.16 -5.43
CA SER A 32 -10.16 0.76 -5.53
C SER A 32 -10.40 0.36 -6.98
N VAL A 33 -9.91 -0.82 -7.36
CA VAL A 33 -10.08 -1.32 -8.71
C VAL A 33 -10.69 -2.72 -8.71
N ASN A 34 -11.50 -3.00 -9.73
CA ASN A 34 -12.14 -4.31 -9.84
C ASN A 34 -11.20 -5.33 -10.45
N SER A 35 -11.21 -6.54 -9.90
CA SER A 35 -10.36 -7.62 -10.38
C SER A 35 -10.83 -8.97 -9.87
N SER A 36 -10.01 -9.99 -10.07
CA SER A 36 -10.34 -11.34 -9.63
C SER A 36 -9.73 -11.64 -8.26
N ALA A 37 -9.45 -10.58 -7.51
CA ALA A 37 -8.86 -10.72 -6.19
C ALA A 37 -9.87 -10.40 -5.09
N LYS A 38 -9.47 -10.60 -3.85
CA LYS A 38 -10.35 -10.32 -2.71
C LYS A 38 -10.25 -8.88 -2.28
N TYR A 39 -11.39 -8.19 -2.24
CA TYR A 39 -11.43 -6.79 -1.84
C TYR A 39 -10.71 -6.58 -0.51
N GLY A 40 -9.91 -5.52 -0.44
CA GLY A 40 -9.18 -5.23 0.78
C GLY A 40 -7.72 -5.61 0.69
N GLU A 41 -7.39 -6.47 -0.26
CA GLU A 41 -6.01 -6.92 -0.46
C GLU A 41 -5.21 -5.89 -1.25
N VAL A 42 -4.05 -5.53 -0.73
CA VAL A 42 -3.18 -4.55 -1.38
C VAL A 42 -2.44 -5.18 -2.55
N VAL A 43 -2.79 -4.75 -3.76
CA VAL A 43 -2.16 -5.27 -4.97
C VAL A 43 -1.52 -4.14 -5.78
N GLY A 44 -1.98 -2.92 -5.54
CA GLY A 44 -1.44 -1.78 -6.25
C GLY A 44 -1.16 -0.60 -5.35
N THR A 45 0.10 -0.15 -5.35
CA THR A 45 0.50 0.97 -4.51
C THR A 45 1.34 1.98 -5.30
N SER A 46 1.47 3.18 -4.77
CA SER A 46 2.23 4.24 -5.42
C SER A 46 3.72 3.87 -5.46
N PRO A 47 4.31 3.68 -4.28
CA PRO A 47 5.73 3.32 -4.15
C PRO A 47 6.02 1.91 -4.65
N SER A 48 7.29 1.63 -4.91
CA SER A 48 7.70 0.31 -5.38
C SER A 48 9.06 -0.08 -4.80
N GLY A 49 9.08 -1.19 -4.06
CA GLY A 49 10.31 -1.65 -3.46
C GLY A 49 10.97 -0.60 -2.61
N GLN A 50 12.03 0.00 -3.12
CA GLN A 50 12.76 1.04 -2.39
C GLN A 50 12.22 2.43 -2.73
N THR A 51 11.53 3.04 -1.78
CA THR A 51 10.96 4.37 -1.97
C THR A 51 11.41 5.33 -0.87
N ILE A 52 11.77 6.54 -1.27
CA ILE A 52 12.21 7.56 -0.32
C ILE A 52 11.03 8.33 0.25
N PRO A 53 11.03 8.50 1.58
CA PRO A 53 9.97 9.23 2.27
C PRO A 53 9.99 10.73 1.98
N GLY A 54 8.81 11.28 1.71
CA GLY A 54 8.72 12.71 1.41
C GLY A 54 7.63 13.02 0.40
N SER A 55 7.13 11.98 -0.26
CA SER A 55 6.07 12.15 -1.26
C SER A 55 4.75 11.60 -0.74
N ILE A 56 3.78 11.46 -1.65
CA ILE A 56 2.47 10.95 -1.29
C ILE A 56 2.34 9.47 -1.64
N VAL A 57 2.00 8.66 -0.65
CA VAL A 57 1.84 7.22 -0.85
C VAL A 57 0.37 6.81 -0.74
N THR A 58 -0.17 6.29 -1.84
CA THR A 58 -1.56 5.85 -1.86
C THR A 58 -1.65 4.34 -1.99
N ILE A 59 -2.44 3.73 -1.10
CA ILE A 59 -2.62 2.29 -1.11
C ILE A 59 -3.90 1.89 -1.84
N GLN A 60 -3.75 1.08 -2.88
CA GLN A 60 -4.89 0.63 -3.67
C GLN A 60 -5.09 -0.87 -3.55
N ILE A 61 -6.34 -1.31 -3.53
CA ILE A 61 -6.66 -2.72 -3.41
C ILE A 61 -7.54 -3.19 -4.57
N SER A 62 -7.63 -4.50 -4.74
CA SER A 62 -8.43 -5.07 -5.82
C SER A 62 -9.70 -5.70 -5.26
N ASN A 63 -10.85 -5.19 -5.69
CA ASN A 63 -12.13 -5.71 -5.25
C ASN A 63 -12.72 -6.68 -6.26
N GLY A 64 -12.90 -7.93 -5.84
CA GLY A 64 -13.45 -8.94 -6.73
C GLY A 64 -14.51 -9.79 -6.06
N ILE A 65 -15.34 -9.15 -5.24
CA ILE A 65 -16.41 -9.85 -4.54
C ILE A 65 -17.27 -10.65 -5.50
N GLY A 1 17.16 6.52 5.08
CA GLY A 1 17.25 5.32 4.27
C GLY A 1 16.32 5.35 3.09
N SER A 2 16.20 4.22 2.39
CA SER A 2 15.33 4.12 1.23
C SER A 2 15.14 2.67 0.82
N ARG A 3 14.05 2.06 1.30
CA ARG A 3 13.75 0.68 0.99
C ARG A 3 12.39 0.27 1.58
N VAL A 4 11.32 0.57 0.85
CA VAL A 4 9.98 0.24 1.29
C VAL A 4 9.73 -1.26 1.22
N PRO A 5 9.16 -1.82 2.29
CA PRO A 5 8.86 -3.25 2.37
C PRO A 5 7.71 -3.65 1.44
N SER A 6 7.78 -4.88 0.94
CA SER A 6 6.76 -5.39 0.02
C SER A 6 5.54 -5.89 0.81
N VAL A 7 4.41 -5.24 0.60
CA VAL A 7 3.17 -5.63 1.28
C VAL A 7 2.14 -6.16 0.29
N ALA A 8 2.57 -6.36 -0.95
CA ALA A 8 1.68 -6.87 -1.99
C ALA A 8 1.11 -8.22 -1.60
N GLY A 9 -0.21 -8.34 -1.67
CA GLY A 9 -0.86 -9.59 -1.32
C GLY A 9 -1.37 -9.61 0.10
N LEU A 10 -0.86 -8.69 0.93
CA LEU A 10 -1.28 -8.59 2.32
C LEU A 10 -2.51 -7.70 2.46
N ASP A 11 -2.93 -7.49 3.70
CA ASP A 11 -4.10 -6.66 3.98
C ASP A 11 -3.69 -5.20 4.12
N VAL A 12 -4.67 -4.30 3.96
CA VAL A 12 -4.41 -2.86 4.08
C VAL A 12 -3.91 -2.50 5.48
N ASP A 13 -4.62 -2.99 6.49
CA ASP A 13 -4.24 -2.72 7.87
C ASP A 13 -2.79 -3.11 8.13
N ALA A 14 -2.34 -4.16 7.45
CA ALA A 14 -0.97 -4.64 7.61
C ALA A 14 0.01 -3.74 6.86
N ALA A 15 -0.37 -3.32 5.66
CA ALA A 15 0.48 -2.46 4.85
C ALA A 15 0.68 -1.09 5.51
N ARG A 16 -0.34 -0.65 6.24
CA ARG A 16 -0.29 0.64 6.93
C ARG A 16 0.65 0.57 8.14
N GLN A 17 0.66 -0.57 8.82
CA GLN A 17 1.51 -0.76 9.98
C GLN A 17 2.98 -0.87 9.57
N ARG A 18 3.21 -1.42 8.38
CA ARG A 18 4.57 -1.60 7.87
C ARG A 18 5.23 -0.24 7.61
N LEU A 19 4.50 0.64 6.92
CA LEU A 19 5.02 1.97 6.60
C LEU A 19 5.40 2.72 7.87
N LYS A 20 4.49 2.74 8.83
CA LYS A 20 4.73 3.42 10.10
C LYS A 20 5.95 2.85 10.81
N ASP A 21 6.20 1.57 10.61
CA ASP A 21 7.35 0.90 11.22
C ASP A 21 8.66 1.37 10.58
N ALA A 22 8.57 1.79 9.33
CA ALA A 22 9.75 2.28 8.61
C ALA A 22 9.85 3.79 8.68
N GLY A 23 8.97 4.41 9.47
CA GLY A 23 8.99 5.86 9.60
C GLY A 23 8.28 6.54 8.45
N PHE A 24 7.41 5.80 7.76
CA PHE A 24 6.66 6.36 6.63
C PHE A 24 5.30 6.88 7.08
N GLN A 25 4.59 7.51 6.16
CA GLN A 25 3.27 8.06 6.46
C GLN A 25 2.21 7.43 5.57
N VAL A 26 0.97 7.39 6.05
CA VAL A 26 -0.13 6.81 5.29
C VAL A 26 -1.07 7.90 4.77
N ALA A 27 -1.35 7.85 3.47
CA ALA A 27 -2.23 8.83 2.85
C ALA A 27 -3.70 8.53 3.16
N ASP A 28 -4.55 9.55 3.03
CA ASP A 28 -5.97 9.40 3.30
C ASP A 28 -6.72 9.02 2.03
N GLN A 29 -6.27 9.55 0.90
CA GLN A 29 -6.90 9.26 -0.38
C GLN A 29 -6.60 7.84 -0.83
N THR A 30 -7.66 7.05 -1.05
CA THR A 30 -7.52 5.67 -1.48
C THR A 30 -8.27 5.42 -2.78
N ASN A 31 -7.80 4.45 -3.56
CA ASN A 31 -8.42 4.10 -4.83
C ASN A 31 -8.61 2.60 -4.95
N SER A 32 -9.84 2.18 -5.26
CA SER A 32 -10.14 0.77 -5.40
C SER A 32 -10.49 0.43 -6.84
N VAL A 33 -10.00 -0.70 -7.32
CA VAL A 33 -10.26 -1.14 -8.69
C VAL A 33 -10.81 -2.55 -8.72
N ASN A 34 -11.59 -2.86 -9.75
CA ASN A 34 -12.19 -4.18 -9.89
C ASN A 34 -11.19 -5.16 -10.50
N SER A 35 -11.17 -6.38 -9.97
CA SER A 35 -10.26 -7.42 -10.45
C SER A 35 -10.71 -8.80 -9.99
N SER A 36 -9.88 -9.80 -10.22
CA SER A 36 -10.19 -11.17 -9.84
C SER A 36 -9.61 -11.50 -8.46
N ALA A 37 -9.36 -10.47 -7.66
CA ALA A 37 -8.81 -10.64 -6.33
C ALA A 37 -9.85 -10.35 -5.25
N LYS A 38 -9.47 -10.58 -3.99
CA LYS A 38 -10.38 -10.33 -2.88
C LYS A 38 -10.29 -8.88 -2.41
N TYR A 39 -11.44 -8.21 -2.38
CA TYR A 39 -11.49 -6.81 -1.96
C TYR A 39 -10.80 -6.63 -0.62
N GLY A 40 -9.99 -5.57 -0.52
CA GLY A 40 -9.28 -5.29 0.72
C GLY A 40 -7.82 -5.68 0.65
N GLU A 41 -7.48 -6.52 -0.33
CA GLU A 41 -6.10 -6.97 -0.51
C GLU A 41 -5.28 -5.94 -1.29
N VAL A 42 -4.12 -5.58 -0.74
CA VAL A 42 -3.25 -4.60 -1.39
C VAL A 42 -2.51 -5.23 -2.57
N VAL A 43 -2.85 -4.77 -3.77
CA VAL A 43 -2.23 -5.28 -4.99
C VAL A 43 -1.58 -4.15 -5.78
N GLY A 44 -2.02 -2.92 -5.52
CA GLY A 44 -1.47 -1.77 -6.22
C GLY A 44 -1.18 -0.61 -5.28
N THR A 45 0.06 -0.15 -5.30
CA THR A 45 0.46 0.96 -4.44
C THR A 45 1.30 1.98 -5.21
N SER A 46 1.44 3.18 -4.65
CA SER A 46 2.22 4.23 -5.30
C SER A 46 3.69 3.85 -5.37
N PRO A 47 4.30 3.62 -4.21
CA PRO A 47 5.71 3.24 -4.11
C PRO A 47 5.97 1.83 -4.64
N SER A 48 7.20 1.60 -5.09
CA SER A 48 7.58 0.30 -5.63
C SER A 48 8.96 -0.12 -5.13
N GLY A 49 9.00 -1.22 -4.38
CA GLY A 49 10.26 -1.71 -3.85
C GLY A 49 10.97 -0.67 -2.99
N GLN A 50 11.99 -0.04 -3.55
CA GLN A 50 12.75 0.97 -2.83
C GLN A 50 12.19 2.36 -3.09
N THR A 51 11.55 2.94 -2.08
CA THR A 51 10.96 4.27 -2.20
C THR A 51 11.46 5.19 -1.10
N ILE A 52 11.79 6.43 -1.46
CA ILE A 52 12.28 7.40 -0.50
C ILE A 52 11.13 8.13 0.18
N PRO A 53 11.19 8.24 1.51
CA PRO A 53 10.16 8.92 2.30
C PRO A 53 10.16 10.43 2.09
N GLY A 54 8.97 10.99 1.91
CA GLY A 54 8.85 12.42 1.70
C GLY A 54 7.71 12.78 0.77
N SER A 55 7.17 11.78 0.08
CA SER A 55 6.06 12.00 -0.84
C SER A 55 4.77 11.40 -0.29
N ILE A 56 3.76 11.31 -1.14
CA ILE A 56 2.47 10.76 -0.74
C ILE A 56 2.32 9.31 -1.20
N VAL A 57 2.04 8.42 -0.25
CA VAL A 57 1.86 7.01 -0.56
C VAL A 57 0.40 6.61 -0.52
N THR A 58 -0.14 6.18 -1.66
CA THR A 58 -1.53 5.77 -1.75
C THR A 58 -1.65 4.25 -1.86
N ILE A 59 -2.48 3.67 -1.01
CA ILE A 59 -2.68 2.22 -1.02
C ILE A 59 -3.95 1.84 -1.77
N GLN A 60 -3.80 1.06 -2.83
CA GLN A 60 -4.93 0.64 -3.63
C GLN A 60 -5.14 -0.88 -3.53
N ILE A 61 -6.40 -1.30 -3.53
CA ILE A 61 -6.73 -2.71 -3.43
C ILE A 61 -7.60 -3.15 -4.60
N SER A 62 -7.68 -4.46 -4.81
CA SER A 62 -8.49 -5.01 -5.89
C SER A 62 -9.76 -5.66 -5.35
N ASN A 63 -10.91 -5.15 -5.79
CA ASN A 63 -12.19 -5.67 -5.35
C ASN A 63 -12.77 -6.63 -6.38
N GLY A 64 -12.94 -7.89 -5.98
CA GLY A 64 -13.49 -8.89 -6.89
C GLY A 64 -14.92 -9.26 -6.55
N ILE A 65 -15.20 -9.47 -5.28
CA ILE A 65 -16.53 -9.83 -4.83
C ILE A 65 -17.54 -8.75 -5.21
N GLY A 1 13.91 5.59 6.49
CA GLY A 1 14.72 6.47 5.67
C GLY A 1 14.63 6.14 4.20
N SER A 2 14.48 4.86 3.89
CA SER A 2 14.38 4.41 2.51
C SER A 2 14.10 2.92 2.43
N ARG A 3 14.06 2.38 1.22
CA ARG A 3 13.79 0.97 1.01
C ARG A 3 12.44 0.58 1.60
N VAL A 4 11.38 0.82 0.83
CA VAL A 4 10.02 0.49 1.27
C VAL A 4 9.78 -1.01 1.24
N PRO A 5 9.21 -1.55 2.33
CA PRO A 5 8.92 -2.97 2.45
C PRO A 5 7.80 -3.41 1.52
N SER A 6 7.89 -4.64 1.02
CA SER A 6 6.89 -5.18 0.12
C SER A 6 5.70 -5.73 0.89
N VAL A 7 4.55 -5.08 0.71
CA VAL A 7 3.32 -5.50 1.39
C VAL A 7 2.30 -6.03 0.40
N ALA A 8 2.72 -6.19 -0.86
CA ALA A 8 1.83 -6.69 -1.89
C ALA A 8 1.27 -8.06 -1.53
N GLY A 9 -0.05 -8.20 -1.62
CA GLY A 9 -0.68 -9.46 -1.29
C GLY A 9 -1.22 -9.49 0.13
N LEU A 10 -0.74 -8.58 0.96
CA LEU A 10 -1.17 -8.51 2.35
C LEU A 10 -2.40 -7.63 2.49
N ASP A 11 -2.86 -7.43 3.72
CA ASP A 11 -4.03 -6.61 3.99
C ASP A 11 -3.64 -5.15 4.15
N VAL A 12 -4.60 -4.25 3.90
CA VAL A 12 -4.35 -2.82 4.03
C VAL A 12 -3.86 -2.47 5.42
N ASP A 13 -4.55 -2.96 6.44
CA ASP A 13 -4.18 -2.69 7.81
C ASP A 13 -2.72 -3.08 8.08
N ALA A 14 -2.26 -4.13 7.39
CA ALA A 14 -0.90 -4.60 7.54
C ALA A 14 0.08 -3.70 6.80
N ALA A 15 -0.31 -3.27 5.60
CA ALA A 15 0.54 -2.40 4.80
C ALA A 15 0.73 -1.04 5.46
N ARG A 16 -0.29 -0.61 6.21
CA ARG A 16 -0.22 0.67 6.91
C ARG A 16 0.73 0.61 8.09
N GLN A 17 0.74 -0.53 8.77
CA GLN A 17 1.61 -0.73 9.93
C GLN A 17 3.06 -0.85 9.50
N ARG A 18 3.28 -1.39 8.31
CA ARG A 18 4.63 -1.58 7.79
C ARG A 18 5.29 -0.23 7.52
N LEU A 19 4.57 0.65 6.83
CA LEU A 19 5.08 1.97 6.50
C LEU A 19 5.48 2.73 7.76
N LYS A 20 4.58 2.75 8.74
CA LYS A 20 4.84 3.44 9.99
C LYS A 20 6.07 2.86 10.70
N ASP A 21 6.30 1.56 10.49
CA ASP A 21 7.43 0.89 11.10
C ASP A 21 8.75 1.35 10.47
N ALA A 22 8.67 1.77 9.20
CA ALA A 22 9.85 2.24 8.48
C ALA A 22 9.96 3.76 8.55
N GLY A 23 9.08 4.38 9.31
CA GLY A 23 9.10 5.82 9.45
C GLY A 23 8.39 6.54 8.32
N PHE A 24 7.52 5.80 7.62
CA PHE A 24 6.78 6.37 6.49
C PHE A 24 5.39 6.81 6.93
N GLN A 25 4.68 7.47 6.03
CA GLN A 25 3.32 7.95 6.31
C GLN A 25 2.31 7.34 5.34
N VAL A 26 1.09 7.15 5.82
CA VAL A 26 0.04 6.59 4.99
C VAL A 26 -1.10 7.58 4.78
N ALA A 27 -1.36 7.93 3.53
CA ALA A 27 -2.42 8.87 3.20
C ALA A 27 -3.79 8.20 3.22
N ASP A 28 -4.81 8.96 3.58
CA ASP A 28 -6.17 8.43 3.64
C ASP A 28 -6.71 8.17 2.24
N GLN A 29 -6.09 8.79 1.25
CA GLN A 29 -6.52 8.62 -0.14
C GLN A 29 -6.55 7.14 -0.53
N THR A 30 -7.74 6.56 -0.53
CA THR A 30 -7.91 5.15 -0.89
C THR A 30 -8.47 5.01 -2.30
N ASN A 31 -8.14 3.88 -2.94
CA ASN A 31 -8.61 3.62 -4.29
C ASN A 31 -9.02 2.15 -4.45
N SER A 32 -10.24 1.93 -4.93
CA SER A 32 -10.75 0.58 -5.13
C SER A 32 -10.94 0.28 -6.61
N VAL A 33 -10.43 -0.86 -7.05
CA VAL A 33 -10.55 -1.27 -8.44
C VAL A 33 -11.16 -2.66 -8.56
N ASN A 34 -11.91 -2.89 -9.63
CA ASN A 34 -12.54 -4.18 -9.87
C ASN A 34 -11.55 -5.18 -10.47
N SER A 35 -11.60 -6.41 -9.98
CA SER A 35 -10.71 -7.46 -10.47
C SER A 35 -11.12 -8.82 -9.93
N SER A 36 -10.30 -9.84 -10.20
CA SER A 36 -10.59 -11.19 -9.74
C SER A 36 -9.87 -11.49 -8.43
N ALA A 37 -9.64 -10.45 -7.65
CA ALA A 37 -8.97 -10.59 -6.36
C ALA A 37 -9.94 -10.40 -5.21
N LYS A 38 -9.45 -10.59 -3.99
CA LYS A 38 -10.28 -10.43 -2.80
C LYS A 38 -10.29 -8.99 -2.32
N TYR A 39 -11.48 -8.45 -2.12
CA TYR A 39 -11.63 -7.06 -1.66
C TYR A 39 -10.87 -6.83 -0.36
N GLY A 40 -10.08 -5.76 -0.32
CA GLY A 40 -9.31 -5.46 0.86
C GLY A 40 -7.84 -5.81 0.71
N GLU A 41 -7.54 -6.65 -0.27
CA GLU A 41 -6.16 -7.06 -0.51
C GLU A 41 -5.39 -5.99 -1.27
N VAL A 42 -4.21 -5.65 -0.76
CA VAL A 42 -3.37 -4.63 -1.39
C VAL A 42 -2.57 -5.21 -2.55
N VAL A 43 -2.90 -4.79 -3.77
CA VAL A 43 -2.20 -5.27 -4.95
C VAL A 43 -1.61 -4.11 -5.74
N GLY A 44 -2.13 -2.90 -5.51
CA GLY A 44 -1.62 -1.74 -6.21
C GLY A 44 -1.26 -0.61 -5.26
N THR A 45 -0.05 -0.09 -5.41
CA THR A 45 0.42 1.00 -4.56
C THR A 45 1.27 1.99 -5.36
N SER A 46 1.46 3.18 -4.79
CA SER A 46 2.24 4.22 -5.45
C SER A 46 3.72 3.84 -5.48
N PRO A 47 4.31 3.65 -4.29
CA PRO A 47 5.72 3.27 -4.15
C PRO A 47 5.99 1.85 -4.64
N SER A 48 7.22 1.61 -5.07
CA SER A 48 7.61 0.28 -5.56
C SER A 48 9.02 -0.08 -5.09
N GLY A 49 9.11 -1.17 -4.32
CA GLY A 49 10.40 -1.61 -3.81
C GLY A 49 11.07 -0.55 -2.97
N GLN A 50 12.12 0.08 -3.52
CA GLN A 50 12.85 1.11 -2.81
C GLN A 50 12.28 2.49 -3.12
N THR A 51 11.63 3.10 -2.14
CA THR A 51 11.04 4.41 -2.32
C THR A 51 11.51 5.38 -1.22
N ILE A 52 11.84 6.60 -1.62
CA ILE A 52 12.30 7.60 -0.67
C ILE A 52 11.14 8.36 -0.05
N PRO A 53 11.17 8.53 1.28
CA PRO A 53 10.12 9.23 2.02
C PRO A 53 10.12 10.72 1.74
N GLY A 54 8.93 11.28 1.50
CA GLY A 54 8.81 12.69 1.22
C GLY A 54 7.69 13.00 0.26
N SER A 55 7.18 11.96 -0.40
CA SER A 55 6.09 12.14 -1.37
C SER A 55 4.78 11.59 -0.81
N ILE A 56 3.80 11.45 -1.68
CA ILE A 56 2.48 10.93 -1.28
C ILE A 56 2.34 9.47 -1.64
N VAL A 57 2.01 8.65 -0.65
CA VAL A 57 1.84 7.21 -0.87
C VAL A 57 0.37 6.82 -0.80
N THR A 58 -0.16 6.32 -1.90
CA THR A 58 -1.56 5.91 -1.97
C THR A 58 -1.69 4.40 -2.03
N ILE A 59 -2.51 3.84 -1.15
CA ILE A 59 -2.72 2.40 -1.10
C ILE A 59 -3.97 1.99 -1.88
N GLN A 60 -3.80 1.12 -2.86
CA GLN A 60 -4.92 0.65 -3.67
C GLN A 60 -5.18 -0.83 -3.45
N ILE A 61 -6.45 -1.23 -3.52
CA ILE A 61 -6.82 -2.62 -3.32
C ILE A 61 -7.67 -3.12 -4.48
N SER A 62 -7.74 -4.45 -4.63
CA SER A 62 -8.51 -5.06 -5.71
C SER A 62 -9.78 -5.71 -5.16
N ASN A 63 -10.93 -5.17 -5.56
CA ASN A 63 -12.22 -5.70 -5.11
C ASN A 63 -12.84 -6.59 -6.18
N GLY A 64 -13.03 -7.87 -5.84
CA GLY A 64 -13.61 -8.81 -6.78
C GLY A 64 -14.97 -9.31 -6.33
N ILE A 65 -15.89 -8.38 -6.07
CA ILE A 65 -17.23 -8.74 -5.62
C ILE A 65 -17.93 -9.63 -6.65
N GLY A 1 14.65 5.87 6.40
CA GLY A 1 13.56 4.92 6.29
C GLY A 1 13.31 4.46 4.87
N SER A 2 14.31 4.65 4.01
CA SER A 2 14.19 4.25 2.61
C SER A 2 13.92 2.76 2.49
N ARG A 3 13.88 2.27 1.26
CA ARG A 3 13.64 0.86 1.00
C ARG A 3 12.24 0.45 1.48
N VAL A 4 11.24 0.80 0.68
CA VAL A 4 9.85 0.47 1.02
C VAL A 4 9.60 -1.02 0.93
N PRO A 5 9.09 -1.61 2.03
CA PRO A 5 8.79 -3.04 2.10
C PRO A 5 7.60 -3.43 1.22
N SER A 6 7.70 -4.61 0.61
CA SER A 6 6.63 -5.10 -0.27
C SER A 6 5.50 -5.73 0.55
N VAL A 7 4.31 -5.14 0.44
CA VAL A 7 3.15 -5.66 1.18
C VAL A 7 2.11 -6.22 0.22
N ALA A 8 2.47 -6.31 -1.06
CA ALA A 8 1.57 -6.84 -2.07
C ALA A 8 1.05 -8.22 -1.68
N GLY A 9 -0.27 -8.38 -1.71
CA GLY A 9 -0.87 -9.65 -1.36
C GLY A 9 -1.35 -9.68 0.08
N LEU A 10 -0.85 -8.76 0.89
CA LEU A 10 -1.23 -8.69 2.30
C LEU A 10 -2.43 -7.76 2.49
N ASP A 11 -2.81 -7.55 3.75
CA ASP A 11 -3.94 -6.69 4.07
C ASP A 11 -3.48 -5.24 4.21
N VAL A 12 -4.42 -4.31 4.02
CA VAL A 12 -4.11 -2.89 4.13
C VAL A 12 -3.64 -2.54 5.54
N ASP A 13 -4.33 -3.08 6.54
CA ASP A 13 -3.98 -2.83 7.93
C ASP A 13 -2.52 -3.15 8.20
N ALA A 14 -2.03 -4.22 7.56
CA ALA A 14 -0.64 -4.63 7.73
C ALA A 14 0.31 -3.70 6.98
N ALA A 15 -0.09 -3.30 5.78
CA ALA A 15 0.73 -2.41 4.96
C ALA A 15 0.87 -1.04 5.62
N ARG A 16 -0.15 -0.64 6.37
CA ARG A 16 -0.13 0.65 7.05
C ARG A 16 0.84 0.63 8.22
N GLN A 17 0.90 -0.50 8.92
CA GLN A 17 1.79 -0.65 10.07
C GLN A 17 3.25 -0.71 9.62
N ARG A 18 3.47 -1.30 8.46
CA ARG A 18 4.82 -1.43 7.92
C ARG A 18 5.41 -0.06 7.58
N LEU A 19 4.63 0.75 6.88
CA LEU A 19 5.07 2.09 6.49
C LEU A 19 5.45 2.91 7.72
N LYS A 20 4.56 2.92 8.71
CA LYS A 20 4.80 3.68 9.94
C LYS A 20 6.07 3.19 10.63
N ASP A 21 6.37 1.91 10.48
CA ASP A 21 7.56 1.32 11.08
C ASP A 21 8.83 1.84 10.41
N ALA A 22 8.70 2.22 9.14
CA ALA A 22 9.83 2.73 8.38
C ALA A 22 9.85 4.27 8.39
N GLY A 23 8.93 4.86 9.15
CA GLY A 23 8.86 6.30 9.22
C GLY A 23 8.11 6.90 8.05
N PHE A 24 7.28 6.10 7.39
CA PHE A 24 6.50 6.55 6.25
C PHE A 24 5.14 7.07 6.69
N GLN A 25 4.39 7.62 5.74
CA GLN A 25 3.07 8.15 6.02
C GLN A 25 2.00 7.44 5.21
N VAL A 26 0.76 7.49 5.69
CA VAL A 26 -0.35 6.84 4.99
C VAL A 26 -1.42 7.86 4.61
N ALA A 27 -1.47 8.19 3.34
CA ALA A 27 -2.46 9.16 2.84
C ALA A 27 -3.88 8.69 3.12
N ASP A 28 -4.83 9.60 3.00
CA ASP A 28 -6.23 9.28 3.24
C ASP A 28 -6.92 8.85 1.96
N GLN A 29 -6.55 9.48 0.85
CA GLN A 29 -7.13 9.16 -0.44
C GLN A 29 -6.70 7.77 -0.91
N THR A 30 -7.68 6.90 -1.16
CA THR A 30 -7.39 5.55 -1.60
C THR A 30 -8.10 5.25 -2.92
N ASN A 31 -7.52 4.34 -3.71
CA ASN A 31 -8.10 3.96 -4.99
C ASN A 31 -8.43 2.47 -5.02
N SER A 32 -9.67 2.15 -5.38
CA SER A 32 -10.10 0.76 -5.45
C SER A 32 -10.40 0.35 -6.89
N VAL A 33 -9.93 -0.83 -7.27
CA VAL A 33 -10.13 -1.35 -8.62
C VAL A 33 -10.76 -2.74 -8.59
N ASN A 34 -11.60 -3.02 -9.57
CA ASN A 34 -12.26 -4.32 -9.66
C ASN A 34 -11.34 -5.36 -10.29
N SER A 35 -11.35 -6.57 -9.74
CA SER A 35 -10.52 -7.65 -10.24
C SER A 35 -10.99 -9.00 -9.69
N SER A 36 -10.18 -10.02 -9.92
CA SER A 36 -10.51 -11.37 -9.46
C SER A 36 -9.86 -11.66 -8.12
N ALA A 37 -9.54 -10.61 -7.38
CA ALA A 37 -8.90 -10.74 -6.07
C ALA A 37 -9.87 -10.40 -4.95
N LYS A 38 -9.44 -10.59 -3.71
CA LYS A 38 -10.27 -10.30 -2.55
C LYS A 38 -10.14 -8.84 -2.13
N TYR A 39 -11.27 -8.14 -2.05
CA TYR A 39 -11.28 -6.74 -1.67
C TYR A 39 -10.50 -6.52 -0.37
N GLY A 40 -9.69 -5.47 -0.34
CA GLY A 40 -8.91 -5.17 0.84
C GLY A 40 -7.45 -5.57 0.68
N GLU A 41 -7.18 -6.46 -0.27
CA GLU A 41 -5.82 -6.93 -0.52
C GLU A 41 -5.03 -5.91 -1.34
N VAL A 42 -3.84 -5.56 -0.86
CA VAL A 42 -2.99 -4.60 -1.55
C VAL A 42 -2.35 -5.23 -2.78
N VAL A 43 -2.76 -4.75 -3.96
CA VAL A 43 -2.22 -5.26 -5.22
C VAL A 43 -1.57 -4.14 -6.03
N GLY A 44 -1.94 -2.90 -5.73
CA GLY A 44 -1.39 -1.77 -6.43
C GLY A 44 -1.09 -0.60 -5.52
N THR A 45 0.14 -0.09 -5.57
CA THR A 45 0.54 1.03 -4.73
C THR A 45 1.33 2.05 -5.53
N SER A 46 1.46 3.25 -4.99
CA SER A 46 2.20 4.32 -5.66
C SER A 46 3.68 3.99 -5.75
N PRO A 47 4.32 3.79 -4.59
CA PRO A 47 5.74 3.47 -4.52
C PRO A 47 6.05 2.06 -5.03
N SER A 48 7.33 1.76 -5.21
CA SER A 48 7.75 0.46 -5.70
C SER A 48 9.15 0.12 -5.21
N GLY A 49 9.28 -1.04 -4.57
CA GLY A 49 10.57 -1.46 -4.06
C GLY A 49 11.21 -0.42 -3.15
N GLN A 50 12.27 0.22 -3.64
CA GLN A 50 12.96 1.24 -2.86
C GLN A 50 12.40 2.63 -3.16
N THR A 51 11.69 3.20 -2.18
CA THR A 51 11.10 4.52 -2.34
C THR A 51 11.52 5.45 -1.21
N ILE A 52 11.87 6.68 -1.56
CA ILE A 52 12.29 7.67 -0.57
C ILE A 52 11.09 8.40 0.02
N PRO A 53 11.08 8.54 1.36
CA PRO A 53 9.99 9.22 2.07
C PRO A 53 10.00 10.73 1.83
N GLY A 54 8.82 11.28 1.56
CA GLY A 54 8.70 12.70 1.32
C GLY A 54 7.61 13.03 0.32
N SER A 55 7.13 12.02 -0.39
CA SER A 55 6.08 12.20 -1.38
C SER A 55 4.75 11.63 -0.87
N ILE A 56 3.79 11.51 -1.79
CA ILE A 56 2.48 10.98 -1.44
C ILE A 56 2.37 9.51 -1.80
N VAL A 57 2.03 8.68 -0.82
CA VAL A 57 1.89 7.25 -1.04
C VAL A 57 0.43 6.81 -0.89
N THR A 58 -0.13 6.29 -1.97
CA THR A 58 -1.52 5.84 -1.96
C THR A 58 -1.60 4.32 -2.10
N ILE A 59 -2.34 3.69 -1.19
CA ILE A 59 -2.50 2.24 -1.21
C ILE A 59 -3.78 1.84 -1.92
N GLN A 60 -3.65 1.08 -3.00
CA GLN A 60 -4.81 0.63 -3.77
C GLN A 60 -4.98 -0.88 -3.64
N ILE A 61 -6.24 -1.32 -3.57
CA ILE A 61 -6.54 -2.74 -3.44
C ILE A 61 -7.47 -3.20 -4.56
N SER A 62 -7.57 -4.51 -4.73
CA SER A 62 -8.42 -5.08 -5.77
C SER A 62 -9.67 -5.70 -5.16
N ASN A 63 -10.83 -5.19 -5.56
CA ASN A 63 -12.11 -5.69 -5.05
C ASN A 63 -12.74 -6.66 -6.04
N GLY A 64 -12.91 -7.90 -5.62
CA GLY A 64 -13.51 -8.91 -6.47
C GLY A 64 -14.52 -9.77 -5.75
N ILE A 65 -15.46 -9.13 -5.06
CA ILE A 65 -16.49 -9.84 -4.32
C ILE A 65 -17.29 -10.75 -5.23
N GLY A 1 15.82 4.85 5.50
CA GLY A 1 16.33 5.84 4.56
C GLY A 1 15.64 5.77 3.21
N SER A 2 15.56 4.56 2.65
CA SER A 2 14.92 4.37 1.36
C SER A 2 14.78 2.88 1.05
N ARG A 3 13.82 2.23 1.70
CA ARG A 3 13.59 0.80 1.50
C ARG A 3 12.20 0.40 2.01
N VAL A 4 11.17 0.72 1.23
CA VAL A 4 9.80 0.40 1.60
C VAL A 4 9.54 -1.09 1.49
N PRO A 5 8.91 -1.67 2.53
CA PRO A 5 8.60 -3.10 2.58
C PRO A 5 7.50 -3.48 1.58
N SER A 6 7.61 -4.68 1.02
CA SER A 6 6.64 -5.16 0.05
C SER A 6 5.41 -5.73 0.76
N VAL A 7 4.25 -5.13 0.50
CA VAL A 7 3.00 -5.58 1.11
C VAL A 7 2.07 -6.17 0.06
N ALA A 8 2.56 -6.33 -1.16
CA ALA A 8 1.78 -6.87 -2.25
C ALA A 8 1.22 -8.25 -1.88
N GLY A 9 -0.11 -8.39 -1.98
CA GLY A 9 -0.74 -9.65 -1.65
C GLY A 9 -1.15 -9.73 -0.20
N LEU A 10 -0.59 -8.87 0.63
CA LEU A 10 -0.90 -8.84 2.05
C LEU A 10 -2.13 -7.98 2.32
N ASP A 11 -2.46 -7.81 3.59
CA ASP A 11 -3.62 -7.01 3.98
C ASP A 11 -3.22 -5.54 4.14
N VAL A 12 -4.17 -4.65 3.83
CA VAL A 12 -3.93 -3.22 3.93
C VAL A 12 -3.55 -2.82 5.35
N ASP A 13 -4.30 -3.35 6.32
CA ASP A 13 -4.05 -3.06 7.72
C ASP A 13 -2.60 -3.36 8.10
N ALA A 14 -2.06 -4.42 7.52
CA ALA A 14 -0.67 -4.81 7.78
C ALA A 14 0.31 -3.89 7.06
N ALA A 15 -0.02 -3.54 5.82
CA ALA A 15 0.83 -2.67 5.03
C ALA A 15 0.91 -1.28 5.64
N ARG A 16 -0.16 -0.86 6.31
CA ARG A 16 -0.22 0.45 6.95
C ARG A 16 0.68 0.49 8.19
N GLN A 17 0.71 -0.61 8.92
CA GLN A 17 1.52 -0.71 10.13
C GLN A 17 3.01 -0.76 9.78
N ARG A 18 3.32 -1.36 8.64
CA ARG A 18 4.70 -1.47 8.20
C ARG A 18 5.30 -0.10 7.89
N LEU A 19 4.56 0.69 7.13
CA LEU A 19 5.02 2.03 6.75
C LEU A 19 5.31 2.87 7.99
N LYS A 20 4.36 2.89 8.92
CA LYS A 20 4.51 3.65 10.15
C LYS A 20 5.73 3.19 10.93
N ASP A 21 6.05 1.90 10.82
CA ASP A 21 7.20 1.33 11.51
C ASP A 21 8.51 1.84 10.91
N ALA A 22 8.46 2.21 9.63
CA ALA A 22 9.64 2.71 8.93
C ALA A 22 9.66 4.23 8.92
N GLY A 23 8.69 4.84 9.62
CA GLY A 23 8.62 6.29 9.68
C GLY A 23 7.94 6.88 8.45
N PHE A 24 7.16 6.06 7.76
CA PHE A 24 6.44 6.51 6.56
C PHE A 24 5.05 7.02 6.92
N GLN A 25 4.36 7.57 5.92
CA GLN A 25 3.01 8.10 6.13
C GLN A 25 2.00 7.37 5.24
N VAL A 26 0.74 7.42 5.64
CA VAL A 26 -0.33 6.78 4.89
C VAL A 26 -1.36 7.78 4.42
N ALA A 27 -1.33 8.12 3.14
CA ALA A 27 -2.28 9.07 2.56
C ALA A 27 -3.72 8.70 2.91
N ASP A 28 -4.62 9.67 2.79
CA ASP A 28 -6.03 9.43 3.09
C ASP A 28 -6.78 9.00 1.84
N GLN A 29 -6.42 9.57 0.70
CA GLN A 29 -7.07 9.24 -0.56
C GLN A 29 -6.63 7.86 -1.05
N THR A 30 -7.60 6.98 -1.27
CA THR A 30 -7.32 5.63 -1.74
C THR A 30 -8.07 5.32 -3.02
N ASN A 31 -7.51 4.44 -3.84
CA ASN A 31 -8.14 4.05 -5.10
C ASN A 31 -8.45 2.55 -5.13
N SER A 32 -9.70 2.22 -5.44
CA SER A 32 -10.12 0.83 -5.50
C SER A 32 -10.47 0.42 -6.92
N VAL A 33 -10.03 -0.77 -7.32
CA VAL A 33 -10.29 -1.28 -8.66
C VAL A 33 -10.95 -2.65 -8.61
N ASN A 34 -11.80 -2.94 -9.58
CA ASN A 34 -12.49 -4.22 -9.64
C ASN A 34 -11.60 -5.28 -10.28
N SER A 35 -11.62 -6.48 -9.71
CA SER A 35 -10.81 -7.58 -10.22
C SER A 35 -11.25 -8.91 -9.60
N SER A 36 -10.54 -9.98 -9.96
CA SER A 36 -10.87 -11.31 -9.45
C SER A 36 -10.11 -11.60 -8.17
N ALA A 37 -9.50 -10.56 -7.59
CA ALA A 37 -8.75 -10.71 -6.36
C ALA A 37 -9.65 -10.52 -5.14
N LYS A 38 -9.07 -10.69 -3.95
CA LYS A 38 -9.82 -10.54 -2.71
C LYS A 38 -9.83 -9.09 -2.25
N TYR A 39 -11.03 -8.51 -2.15
CA TYR A 39 -11.18 -7.13 -1.72
C TYR A 39 -10.43 -6.87 -0.42
N GLY A 40 -9.64 -5.80 -0.41
CA GLY A 40 -8.88 -5.46 0.78
C GLY A 40 -7.41 -5.82 0.64
N GLU A 41 -7.08 -6.60 -0.38
CA GLU A 41 -5.71 -7.02 -0.61
C GLU A 41 -4.94 -5.96 -1.38
N VAL A 42 -3.77 -5.59 -0.86
CA VAL A 42 -2.92 -4.59 -1.50
C VAL A 42 -2.21 -5.16 -2.72
N VAL A 43 -2.60 -4.68 -3.90
CA VAL A 43 -2.00 -5.15 -5.14
C VAL A 43 -1.40 -3.97 -5.93
N GLY A 44 -1.86 -2.77 -5.63
CA GLY A 44 -1.36 -1.59 -6.31
C GLY A 44 -1.06 -0.45 -5.36
N THR A 45 0.17 0.06 -5.41
CA THR A 45 0.57 1.16 -4.55
C THR A 45 1.44 2.17 -5.30
N SER A 46 1.59 3.35 -4.73
CA SER A 46 2.39 4.40 -5.35
C SER A 46 3.86 4.03 -5.37
N PRO A 47 4.43 3.81 -4.17
CA PRO A 47 5.84 3.44 -4.02
C PRO A 47 6.12 2.02 -4.53
N SER A 48 7.37 1.78 -4.91
CA SER A 48 7.78 0.47 -5.42
C SER A 48 9.14 0.07 -4.86
N GLY A 49 9.16 -1.03 -4.11
CA GLY A 49 10.41 -1.50 -3.53
C GLY A 49 11.05 -0.47 -2.62
N GLN A 50 12.12 0.16 -3.10
CA GLN A 50 12.82 1.16 -2.32
C GLN A 50 12.29 2.55 -2.61
N THR A 51 11.58 3.13 -1.64
CA THR A 51 11.01 4.46 -1.79
C THR A 51 11.44 5.38 -0.66
N ILE A 52 11.81 6.61 -1.00
CA ILE A 52 12.24 7.59 -0.01
C ILE A 52 11.05 8.34 0.58
N PRO A 53 11.03 8.47 1.91
CA PRO A 53 9.96 9.18 2.62
C PRO A 53 9.99 10.67 2.38
N GLY A 54 8.81 11.25 2.11
CA GLY A 54 8.73 12.68 1.86
C GLY A 54 7.65 13.03 0.85
N SER A 55 7.16 12.02 0.14
CA SER A 55 6.12 12.23 -0.86
C SER A 55 4.79 11.65 -0.39
N ILE A 56 3.84 11.55 -1.31
CA ILE A 56 2.52 11.02 -1.00
C ILE A 56 2.40 9.56 -1.41
N VAL A 57 2.04 8.71 -0.45
CA VAL A 57 1.89 7.28 -0.71
C VAL A 57 0.42 6.86 -0.67
N THR A 58 -0.09 6.39 -1.81
CA THR A 58 -1.48 5.97 -1.90
C THR A 58 -1.58 4.44 -1.98
N ILE A 59 -2.40 3.86 -1.12
CA ILE A 59 -2.59 2.42 -1.09
C ILE A 59 -3.85 2.01 -1.86
N GLN A 60 -3.67 1.18 -2.89
CA GLN A 60 -4.79 0.73 -3.69
C GLN A 60 -4.99 -0.78 -3.55
N ILE A 61 -6.24 -1.22 -3.62
CA ILE A 61 -6.56 -2.64 -3.49
C ILE A 61 -7.51 -3.09 -4.60
N SER A 62 -7.58 -4.40 -4.81
CA SER A 62 -8.44 -4.96 -5.84
C SER A 62 -9.67 -5.63 -5.22
N ASN A 63 -10.85 -5.12 -5.56
CA ASN A 63 -12.10 -5.66 -5.04
C ASN A 63 -12.75 -6.60 -6.04
N GLY A 64 -13.29 -7.71 -5.55
CA GLY A 64 -13.93 -8.68 -6.42
C GLY A 64 -15.11 -9.36 -5.76
N ILE A 65 -16.19 -8.61 -5.55
CA ILE A 65 -17.38 -9.16 -4.92
C ILE A 65 -17.90 -10.37 -5.68
N GLY A 1 15.80 5.88 6.53
CA GLY A 1 14.56 6.33 5.94
C GLY A 1 14.48 6.02 4.46
N SER A 2 14.27 4.75 4.12
CA SER A 2 14.18 4.33 2.73
C SER A 2 13.93 2.83 2.63
N ARG A 3 13.89 2.32 1.40
CA ARG A 3 13.65 0.90 1.17
C ARG A 3 12.29 0.47 1.72
N VAL A 4 11.24 0.79 0.99
CA VAL A 4 9.89 0.46 1.40
C VAL A 4 9.65 -1.05 1.31
N PRO A 5 9.06 -1.63 2.37
CA PRO A 5 8.77 -3.06 2.43
C PRO A 5 7.65 -3.47 1.47
N SER A 6 7.73 -4.68 0.95
CA SER A 6 6.72 -5.19 0.03
C SER A 6 5.50 -5.71 0.79
N VAL A 7 4.35 -5.10 0.52
CA VAL A 7 3.11 -5.50 1.17
C VAL A 7 2.13 -6.11 0.17
N ALA A 8 2.61 -6.32 -1.05
CA ALA A 8 1.78 -6.90 -2.11
C ALA A 8 1.24 -8.26 -1.70
N GLY A 9 -0.07 -8.43 -1.77
CA GLY A 9 -0.68 -9.69 -1.41
C GLY A 9 -1.19 -9.70 0.02
N LEU A 10 -0.70 -8.76 0.83
CA LEU A 10 -1.11 -8.66 2.23
C LEU A 10 -2.33 -7.76 2.37
N ASP A 11 -2.76 -7.53 3.61
CA ASP A 11 -3.90 -6.68 3.89
C ASP A 11 -3.50 -5.22 4.01
N VAL A 12 -4.46 -4.32 3.84
CA VAL A 12 -4.19 -2.88 3.92
C VAL A 12 -3.72 -2.50 5.33
N ASP A 13 -4.44 -2.98 6.33
CA ASP A 13 -4.10 -2.68 7.72
C ASP A 13 -2.65 -3.07 8.02
N ALA A 14 -2.18 -4.12 7.37
CA ALA A 14 -0.81 -4.59 7.56
C ALA A 14 0.18 -3.71 6.81
N ALA A 15 -0.18 -3.30 5.60
CA ALA A 15 0.67 -2.45 4.79
C ALA A 15 0.84 -1.08 5.42
N ARG A 16 -0.18 -0.62 6.13
CA ARG A 16 -0.14 0.67 6.78
C ARG A 16 0.78 0.64 8.00
N GLN A 17 0.80 -0.50 8.70
CA GLN A 17 1.64 -0.65 9.88
C GLN A 17 3.11 -0.76 9.49
N ARG A 18 3.37 -1.31 8.32
CA ARG A 18 4.73 -1.48 7.83
C ARG A 18 5.38 -0.12 7.55
N LEU A 19 4.66 0.73 6.84
CA LEU A 19 5.15 2.06 6.50
C LEU A 19 5.50 2.84 7.77
N LYS A 20 4.58 2.87 8.71
CA LYS A 20 4.79 3.58 9.97
C LYS A 20 6.02 3.04 10.70
N ASP A 21 6.29 1.75 10.53
CA ASP A 21 7.43 1.11 11.17
C ASP A 21 8.73 1.59 10.55
N ALA A 22 8.67 1.99 9.28
CA ALA A 22 9.85 2.48 8.58
C ALA A 22 9.93 4.00 8.62
N GLY A 23 9.02 4.62 9.36
CA GLY A 23 9.01 6.06 9.48
C GLY A 23 8.29 6.73 8.31
N PHE A 24 7.46 5.97 7.62
CA PHE A 24 6.72 6.49 6.47
C PHE A 24 5.35 7.00 6.89
N GLN A 25 4.64 7.62 5.95
CA GLN A 25 3.31 8.15 6.22
C GLN A 25 2.26 7.50 5.33
N VAL A 26 1.02 7.51 5.79
CA VAL A 26 -0.08 6.92 5.03
C VAL A 26 -1.05 7.99 4.54
N ALA A 27 -1.45 7.89 3.27
CA ALA A 27 -2.38 8.85 2.68
C ALA A 27 -3.82 8.47 3.00
N ASP A 28 -4.70 9.48 3.02
CA ASP A 28 -6.11 9.25 3.32
C ASP A 28 -6.87 8.88 2.04
N GLN A 29 -6.43 9.45 0.92
CA GLN A 29 -7.08 9.17 -0.37
C GLN A 29 -6.67 7.80 -0.90
N THR A 30 -7.66 6.93 -1.12
CA THR A 30 -7.40 5.59 -1.63
C THR A 30 -8.19 5.33 -2.90
N ASN A 31 -7.65 4.46 -3.75
CA ASN A 31 -8.31 4.11 -5.00
C ASN A 31 -8.58 2.62 -5.09
N SER A 32 -9.80 2.26 -5.47
CA SER A 32 -10.19 0.85 -5.59
C SER A 32 -10.45 0.48 -7.05
N VAL A 33 -9.96 -0.68 -7.45
CA VAL A 33 -10.14 -1.16 -8.82
C VAL A 33 -10.75 -2.56 -8.84
N ASN A 34 -11.56 -2.82 -9.86
CA ASN A 34 -12.22 -4.12 -10.00
C ASN A 34 -11.26 -5.14 -10.62
N SER A 35 -11.28 -6.37 -10.07
CA SER A 35 -10.42 -7.43 -10.57
C SER A 35 -10.89 -8.79 -10.07
N SER A 36 -10.07 -9.82 -10.30
CA SER A 36 -10.42 -11.17 -9.87
C SER A 36 -9.78 -11.49 -8.52
N ALA A 37 -9.53 -10.44 -7.74
CA ALA A 37 -8.92 -10.61 -6.42
C ALA A 37 -9.93 -10.30 -5.32
N LYS A 38 -9.53 -10.53 -4.07
CA LYS A 38 -10.39 -10.28 -2.93
C LYS A 38 -10.28 -8.83 -2.46
N TYR A 39 -11.41 -8.13 -2.43
CA TYR A 39 -11.44 -6.73 -2.01
C TYR A 39 -10.74 -6.55 -0.68
N GLY A 40 -9.90 -5.52 -0.58
CA GLY A 40 -9.18 -5.25 0.65
C GLY A 40 -7.73 -5.70 0.58
N GLU A 41 -7.41 -6.50 -0.42
CA GLU A 41 -6.04 -6.98 -0.60
C GLU A 41 -5.19 -5.96 -1.35
N VAL A 42 -4.02 -5.65 -0.79
CA VAL A 42 -3.12 -4.68 -1.41
C VAL A 42 -2.39 -5.30 -2.60
N VAL A 43 -2.72 -4.81 -3.79
CA VAL A 43 -2.10 -5.31 -5.01
C VAL A 43 -1.43 -4.18 -5.79
N GLY A 44 -1.84 -2.95 -5.51
CA GLY A 44 -1.27 -1.81 -6.18
C GLY A 44 -1.02 -0.64 -5.25
N THR A 45 0.17 -0.05 -5.34
CA THR A 45 0.53 1.08 -4.49
C THR A 45 1.38 2.10 -5.25
N SER A 46 1.50 3.30 -4.69
CA SER A 46 2.28 4.36 -5.33
C SER A 46 3.76 3.99 -5.36
N PRO A 47 4.35 3.77 -4.18
CA PRO A 47 5.76 3.41 -4.05
C PRO A 47 6.05 2.01 -4.57
N SER A 48 7.28 1.80 -5.04
CA SER A 48 7.68 0.50 -5.57
C SER A 48 9.06 0.10 -5.04
N GLY A 49 9.09 -0.99 -4.28
CA GLY A 49 10.34 -1.47 -3.73
C GLY A 49 11.01 -0.43 -2.85
N GLN A 50 12.05 0.22 -3.39
CA GLN A 50 12.78 1.23 -2.64
C GLN A 50 12.20 2.62 -2.92
N THR A 51 11.55 3.20 -1.92
CA THR A 51 10.95 4.52 -2.05
C THR A 51 11.43 5.45 -0.93
N ILE A 52 11.75 6.69 -1.31
CA ILE A 52 12.21 7.67 -0.35
C ILE A 52 11.04 8.41 0.31
N PRO A 53 11.10 8.54 1.64
CA PRO A 53 10.04 9.22 2.40
C PRO A 53 10.03 10.72 2.15
N GLY A 54 8.84 11.27 1.95
CA GLY A 54 8.70 12.70 1.70
C GLY A 54 7.55 13.02 0.75
N SER A 55 7.05 11.99 0.07
CA SER A 55 5.94 12.17 -0.86
C SER A 55 4.66 11.57 -0.31
N ILE A 56 3.65 11.45 -1.17
CA ILE A 56 2.37 10.88 -0.77
C ILE A 56 2.24 9.44 -1.24
N VAL A 57 1.95 8.55 -0.30
CA VAL A 57 1.80 7.13 -0.61
C VAL A 57 0.33 6.73 -0.58
N THR A 58 -0.18 6.29 -1.73
CA THR A 58 -1.57 5.87 -1.86
C THR A 58 -1.68 4.35 -1.97
N ILE A 59 -2.52 3.76 -1.14
CA ILE A 59 -2.72 2.32 -1.14
C ILE A 59 -3.95 1.93 -1.97
N GLN A 60 -3.74 1.12 -3.00
CA GLN A 60 -4.83 0.68 -3.86
C GLN A 60 -5.04 -0.83 -3.75
N ILE A 61 -6.30 -1.24 -3.70
CA ILE A 61 -6.64 -2.65 -3.60
C ILE A 61 -7.53 -3.09 -4.75
N SER A 62 -7.64 -4.40 -4.94
CA SER A 62 -8.47 -4.96 -6.00
C SER A 62 -9.74 -5.58 -5.45
N ASN A 63 -10.89 -5.05 -5.85
CA ASN A 63 -12.17 -5.56 -5.38
C ASN A 63 -12.79 -6.51 -6.41
N GLY A 64 -12.98 -7.76 -6.02
CA GLY A 64 -13.55 -8.74 -6.91
C GLY A 64 -14.55 -9.65 -6.21
N ILE A 65 -15.33 -9.07 -5.30
CA ILE A 65 -16.33 -9.84 -4.56
C ILE A 65 -17.28 -10.57 -5.51
N GLY A 1 17.78 5.93 4.12
CA GLY A 1 17.83 4.60 3.57
C GLY A 1 16.56 4.24 2.81
N SER A 2 16.39 4.82 1.63
CA SER A 2 15.21 4.56 0.80
C SER A 2 15.07 3.07 0.53
N ARG A 3 14.10 2.45 1.17
CA ARG A 3 13.86 1.02 0.99
C ARG A 3 12.52 0.61 1.59
N VAL A 4 11.44 0.92 0.88
CA VAL A 4 10.09 0.59 1.35
C VAL A 4 9.84 -0.90 1.27
N PRO A 5 9.29 -1.47 2.36
CA PRO A 5 8.99 -2.90 2.45
C PRO A 5 7.84 -3.30 1.53
N SER A 6 7.94 -4.49 0.94
CA SER A 6 6.92 -4.99 0.04
C SER A 6 5.76 -5.61 0.81
N VAL A 7 4.57 -5.06 0.65
CA VAL A 7 3.39 -5.56 1.34
C VAL A 7 2.39 -6.17 0.35
N ALA A 8 2.80 -6.25 -0.91
CA ALA A 8 1.94 -6.81 -1.95
C ALA A 8 1.43 -8.20 -1.56
N GLY A 9 0.12 -8.39 -1.66
CA GLY A 9 -0.47 -9.66 -1.30
C GLY A 9 -1.02 -9.68 0.10
N LEU A 10 -0.58 -8.73 0.92
CA LEU A 10 -1.05 -8.64 2.30
C LEU A 10 -2.23 -7.69 2.42
N ASP A 11 -2.69 -7.48 3.65
CA ASP A 11 -3.82 -6.59 3.90
C ASP A 11 -3.37 -5.14 4.06
N VAL A 12 -4.28 -4.20 3.82
CA VAL A 12 -3.96 -2.79 3.94
C VAL A 12 -3.57 -2.43 5.36
N ASP A 13 -4.30 -2.97 6.33
CA ASP A 13 -4.02 -2.71 7.75
C ASP A 13 -2.58 -3.05 8.08
N ALA A 14 -2.05 -4.10 7.44
CA ALA A 14 -0.68 -4.53 7.68
C ALA A 14 0.31 -3.60 6.99
N ALA A 15 -0.01 -3.19 5.77
CA ALA A 15 0.85 -2.29 5.02
C ALA A 15 0.98 -0.94 5.70
N ARG A 16 -0.09 -0.53 6.40
CA ARG A 16 -0.10 0.74 7.11
C ARG A 16 0.80 0.70 8.34
N GLN A 17 0.80 -0.45 9.01
CA GLN A 17 1.61 -0.63 10.21
C GLN A 17 3.09 -0.70 9.86
N ARG A 18 3.39 -1.26 8.70
CA ARG A 18 4.78 -1.39 8.25
C ARG A 18 5.40 -0.02 7.99
N LEU A 19 4.66 0.82 7.27
CA LEU A 19 5.14 2.16 6.95
C LEU A 19 5.45 2.95 8.22
N LYS A 20 4.51 2.95 9.15
CA LYS A 20 4.67 3.65 10.42
C LYS A 20 5.89 3.14 11.17
N ASP A 21 6.19 1.85 11.00
CA ASP A 21 7.33 1.24 11.67
C ASP A 21 8.65 1.76 11.08
N ALA A 22 8.60 2.17 9.82
CA ALA A 22 9.78 2.68 9.14
C ALA A 22 9.82 4.21 9.19
N GLY A 23 8.88 4.80 9.92
CA GLY A 23 8.82 6.24 10.04
C GLY A 23 8.15 6.89 8.85
N PHE A 24 7.35 6.12 8.13
CA PHE A 24 6.64 6.62 6.95
C PHE A 24 5.25 7.13 7.33
N GLN A 25 4.55 7.71 6.37
CA GLN A 25 3.22 8.24 6.60
C GLN A 25 2.20 7.57 5.70
N VAL A 26 0.93 7.60 6.10
CA VAL A 26 -0.14 6.99 5.33
C VAL A 26 -1.06 8.04 4.74
N ALA A 27 -1.38 7.90 3.45
CA ALA A 27 -2.26 8.83 2.77
C ALA A 27 -3.73 8.50 3.01
N ASP A 28 -4.59 9.48 2.83
CA ASP A 28 -6.03 9.30 3.04
C ASP A 28 -6.71 8.87 1.74
N GLN A 29 -6.25 9.43 0.62
CA GLN A 29 -6.81 9.09 -0.68
C GLN A 29 -6.46 7.67 -1.09
N THR A 30 -7.47 6.87 -1.36
CA THR A 30 -7.27 5.47 -1.76
C THR A 30 -7.94 5.18 -3.10
N ASN A 31 -7.40 4.22 -3.83
CA ASN A 31 -7.96 3.84 -5.13
C ASN A 31 -8.28 2.35 -5.16
N SER A 32 -9.51 2.04 -5.55
CA SER A 32 -9.95 0.65 -5.63
C SER A 32 -10.22 0.24 -7.07
N VAL A 33 -9.74 -0.95 -7.44
CA VAL A 33 -9.93 -1.46 -8.79
C VAL A 33 -10.56 -2.85 -8.78
N ASN A 34 -11.38 -3.13 -9.78
CA ASN A 34 -12.05 -4.42 -9.88
C ASN A 34 -11.12 -5.47 -10.49
N SER A 35 -11.14 -6.67 -9.94
CA SER A 35 -10.30 -7.75 -10.42
C SER A 35 -10.78 -9.11 -9.88
N SER A 36 -9.98 -10.14 -10.11
CA SER A 36 -10.33 -11.48 -9.64
C SER A 36 -9.69 -11.77 -8.28
N ALA A 37 -9.36 -10.71 -7.56
CA ALA A 37 -8.74 -10.85 -6.24
C ALA A 37 -9.75 -10.53 -5.14
N LYS A 38 -9.32 -10.72 -3.90
CA LYS A 38 -10.18 -10.45 -2.75
C LYS A 38 -10.07 -8.99 -2.33
N TYR A 39 -11.21 -8.31 -2.28
CA TYR A 39 -11.23 -6.90 -1.89
C TYR A 39 -10.50 -6.69 -0.57
N GLY A 40 -9.69 -5.64 -0.51
CA GLY A 40 -8.95 -5.34 0.71
C GLY A 40 -7.49 -5.73 0.60
N GLU A 41 -7.17 -6.60 -0.36
CA GLU A 41 -5.81 -7.06 -0.57
C GLU A 41 -5.00 -6.03 -1.34
N VAL A 42 -3.83 -5.69 -0.81
CA VAL A 42 -2.95 -4.71 -1.45
C VAL A 42 -2.21 -5.32 -2.63
N VAL A 43 -2.56 -4.87 -3.83
CA VAL A 43 -1.93 -5.37 -5.05
C VAL A 43 -1.28 -4.23 -5.84
N GLY A 44 -1.74 -3.01 -5.58
CA GLY A 44 -1.18 -1.86 -6.27
C GLY A 44 -0.95 -0.68 -5.35
N THR A 45 0.28 -0.17 -5.34
CA THR A 45 0.64 0.96 -4.50
C THR A 45 1.47 1.98 -5.27
N SER A 46 1.62 3.17 -4.70
CA SER A 46 2.39 4.23 -5.33
C SER A 46 3.88 3.88 -5.36
N PRO A 47 4.46 3.66 -4.18
CA PRO A 47 5.88 3.32 -4.05
C PRO A 47 6.17 1.91 -4.55
N SER A 48 7.37 1.73 -5.10
CA SER A 48 7.78 0.42 -5.64
C SER A 48 9.17 0.04 -5.12
N GLY A 49 9.22 -1.00 -4.30
CA GLY A 49 10.48 -1.46 -3.75
C GLY A 49 11.18 -0.39 -2.93
N GLN A 50 12.17 0.26 -3.52
CA GLN A 50 12.91 1.31 -2.84
C GLN A 50 12.30 2.68 -3.12
N THR A 51 11.67 3.25 -2.09
CA THR A 51 11.03 4.56 -2.22
C THR A 51 11.53 5.52 -1.15
N ILE A 52 11.81 6.76 -1.55
CA ILE A 52 12.29 7.77 -0.62
C ILE A 52 11.12 8.47 0.09
N PRO A 53 11.21 8.58 1.42
CA PRO A 53 10.17 9.23 2.23
C PRO A 53 10.13 10.73 2.00
N GLY A 54 8.92 11.26 1.84
CA GLY A 54 8.76 12.69 1.62
C GLY A 54 7.58 13.01 0.73
N SER A 55 7.06 12.00 0.05
CA SER A 55 5.93 12.17 -0.86
C SER A 55 4.67 11.53 -0.28
N ILE A 56 3.65 11.38 -1.12
CA ILE A 56 2.40 10.78 -0.70
C ILE A 56 2.29 9.34 -1.18
N VAL A 57 2.00 8.43 -0.25
CA VAL A 57 1.86 7.01 -0.59
C VAL A 57 0.40 6.59 -0.61
N THR A 58 -0.07 6.16 -1.77
CA THR A 58 -1.46 5.74 -1.92
C THR A 58 -1.55 4.22 -2.01
N ILE A 59 -2.41 3.63 -1.17
CA ILE A 59 -2.59 2.19 -1.14
C ILE A 59 -3.84 1.78 -1.93
N GLN A 60 -3.64 0.98 -2.97
CA GLN A 60 -4.75 0.52 -3.80
C GLN A 60 -4.92 -0.99 -3.69
N ILE A 61 -6.16 -1.44 -3.64
CA ILE A 61 -6.46 -2.87 -3.53
C ILE A 61 -7.37 -3.32 -4.68
N SER A 62 -7.46 -4.63 -4.85
CA SER A 62 -8.29 -5.20 -5.91
C SER A 62 -9.56 -5.83 -5.33
N ASN A 63 -10.71 -5.31 -5.75
CA ASN A 63 -11.99 -5.81 -5.27
C ASN A 63 -12.60 -6.78 -6.29
N GLY A 64 -12.79 -8.03 -5.87
CA GLY A 64 -13.36 -9.02 -6.74
C GLY A 64 -14.73 -9.50 -6.27
N ILE A 65 -15.41 -8.65 -5.50
CA ILE A 65 -16.73 -9.00 -4.98
C ILE A 65 -17.67 -9.40 -6.10
N GLY A 1 17.50 5.88 4.03
CA GLY A 1 17.07 4.50 4.20
C GLY A 1 15.90 4.14 3.32
N SER A 2 15.90 4.65 2.08
CA SER A 2 14.83 4.38 1.14
C SER A 2 14.72 2.89 0.86
N ARG A 3 13.76 2.24 1.52
CA ARG A 3 13.54 0.81 1.34
C ARG A 3 12.18 0.39 1.87
N VAL A 4 11.14 0.69 1.10
CA VAL A 4 9.78 0.35 1.49
C VAL A 4 9.54 -1.16 1.41
N PRO A 5 8.94 -1.72 2.47
CA PRO A 5 8.64 -3.15 2.54
C PRO A 5 7.54 -3.57 1.57
N SER A 6 7.66 -4.78 1.03
CA SER A 6 6.68 -5.30 0.09
C SER A 6 5.46 -5.86 0.82
N VAL A 7 4.32 -5.23 0.61
CA VAL A 7 3.08 -5.66 1.25
C VAL A 7 2.09 -6.18 0.21
N ALA A 8 2.54 -6.31 -1.03
CA ALA A 8 1.70 -6.79 -2.11
C ALA A 8 1.11 -8.16 -1.76
N GLY A 9 -0.23 -8.26 -1.83
CA GLY A 9 -0.89 -9.52 -1.52
C GLY A 9 -1.40 -9.55 -0.09
N LEU A 10 -0.88 -8.67 0.75
CA LEU A 10 -1.28 -8.62 2.15
C LEU A 10 -2.48 -7.69 2.33
N ASP A 11 -2.89 -7.49 3.57
CA ASP A 11 -4.02 -6.61 3.89
C ASP A 11 -3.56 -5.17 4.06
N VAL A 12 -4.48 -4.23 3.84
CA VAL A 12 -4.16 -2.81 3.97
C VAL A 12 -3.76 -2.47 5.40
N ASP A 13 -4.47 -3.03 6.37
CA ASP A 13 -4.19 -2.78 7.78
C ASP A 13 -2.74 -3.10 8.10
N ALA A 14 -2.22 -4.17 7.49
CA ALA A 14 -0.84 -4.58 7.70
C ALA A 14 0.13 -3.65 7.00
N ALA A 15 -0.21 -3.24 5.79
CA ALA A 15 0.63 -2.35 5.00
C ALA A 15 0.75 -0.99 5.68
N ARG A 16 -0.29 -0.59 6.41
CA ARG A 16 -0.31 0.69 7.10
C ARG A 16 0.63 0.66 8.31
N GLN A 17 0.65 -0.47 9.00
CA GLN A 17 1.49 -0.63 10.19
C GLN A 17 2.96 -0.70 9.79
N ARG A 18 3.23 -1.30 8.64
CA ARG A 18 4.60 -1.44 8.15
C ARG A 18 5.21 -0.07 7.83
N LEU A 19 4.46 0.75 7.10
CA LEU A 19 4.92 2.07 6.73
C LEU A 19 5.26 2.90 7.98
N LYS A 20 4.33 2.92 8.93
CA LYS A 20 4.53 3.68 10.16
C LYS A 20 5.77 3.17 10.91
N ASP A 21 6.07 1.89 10.76
CA ASP A 21 7.24 1.30 11.41
C ASP A 21 8.53 1.81 10.78
N ALA A 22 8.45 2.20 9.52
CA ALA A 22 9.62 2.70 8.80
C ALA A 22 9.64 4.23 8.80
N GLY A 23 8.70 4.83 9.52
CA GLY A 23 8.63 6.28 9.58
C GLY A 23 7.92 6.88 8.39
N PHE A 24 7.12 6.07 7.70
CA PHE A 24 6.39 6.54 6.53
C PHE A 24 5.01 7.07 6.92
N GLN A 25 4.29 7.61 5.94
CA GLN A 25 2.96 8.15 6.17
C GLN A 25 1.92 7.43 5.33
N VAL A 26 0.67 7.47 5.78
CA VAL A 26 -0.42 6.83 5.06
C VAL A 26 -1.49 7.85 4.64
N ALA A 27 -1.53 8.16 3.35
CA ALA A 27 -2.49 9.10 2.83
C ALA A 27 -3.92 8.64 3.09
N ASP A 28 -4.86 9.57 2.99
CA ASP A 28 -6.27 9.25 3.22
C ASP A 28 -6.95 8.86 1.90
N GLN A 29 -6.57 9.52 0.82
CA GLN A 29 -7.15 9.25 -0.49
C GLN A 29 -6.71 7.86 -0.99
N THR A 30 -7.70 7.00 -1.23
CA THR A 30 -7.42 5.65 -1.71
C THR A 30 -8.16 5.36 -3.01
N ASN A 31 -7.60 4.48 -3.83
CA ASN A 31 -8.21 4.12 -5.09
C ASN A 31 -8.52 2.62 -5.15
N SER A 32 -9.74 2.28 -5.53
CA SER A 32 -10.15 0.89 -5.62
C SER A 32 -10.41 0.49 -7.07
N VAL A 33 -9.96 -0.70 -7.45
CA VAL A 33 -10.15 -1.20 -8.81
C VAL A 33 -10.81 -2.58 -8.80
N ASN A 34 -11.63 -2.83 -9.81
CA ASN A 34 -12.34 -4.11 -9.92
C ASN A 34 -11.42 -5.17 -10.55
N SER A 35 -11.47 -6.38 -9.99
CA SER A 35 -10.66 -7.47 -10.50
C SER A 35 -11.13 -8.81 -9.93
N SER A 36 -10.42 -9.88 -10.27
CA SER A 36 -10.76 -11.20 -9.79
C SER A 36 -10.05 -11.52 -8.47
N ALA A 37 -9.47 -10.49 -7.88
CA ALA A 37 -8.76 -10.65 -6.61
C ALA A 37 -9.71 -10.47 -5.42
N LYS A 38 -9.17 -10.67 -4.22
CA LYS A 38 -9.97 -10.53 -3.01
C LYS A 38 -9.99 -9.08 -2.53
N TYR A 39 -11.18 -8.50 -2.45
CA TYR A 39 -11.34 -7.12 -2.00
C TYR A 39 -10.62 -6.89 -0.68
N GLY A 40 -9.84 -5.81 -0.61
CA GLY A 40 -9.11 -5.49 0.61
C GLY A 40 -7.64 -5.83 0.49
N GLU A 41 -7.29 -6.62 -0.52
CA GLU A 41 -5.90 -7.01 -0.72
C GLU A 41 -5.14 -5.94 -1.50
N VAL A 42 -3.99 -5.55 -0.97
CA VAL A 42 -3.15 -4.54 -1.61
C VAL A 42 -2.39 -5.11 -2.79
N VAL A 43 -2.76 -4.67 -4.00
CA VAL A 43 -2.11 -5.15 -5.21
C VAL A 43 -1.50 -3.98 -6.00
N GLY A 44 -1.98 -2.78 -5.74
CA GLY A 44 -1.48 -1.61 -6.42
C GLY A 44 -1.17 -0.47 -5.47
N THR A 45 0.08 0.00 -5.50
CA THR A 45 0.51 1.10 -4.64
C THR A 45 1.37 2.10 -5.40
N SER A 46 1.53 3.28 -4.83
CA SER A 46 2.32 4.33 -5.45
C SER A 46 3.80 3.95 -5.49
N PRO A 47 4.37 3.73 -4.30
CA PRO A 47 5.79 3.36 -4.16
C PRO A 47 6.07 1.95 -4.67
N SER A 48 7.33 1.68 -5.00
CA SER A 48 7.72 0.37 -5.50
C SER A 48 9.08 -0.03 -4.93
N GLY A 49 9.09 -1.15 -4.20
CA GLY A 49 10.33 -1.63 -3.60
C GLY A 49 11.00 -0.59 -2.73
N GLN A 50 12.05 0.03 -3.26
CA GLN A 50 12.78 1.05 -2.51
C GLN A 50 12.24 2.44 -2.80
N THR A 51 11.56 3.03 -1.82
CA THR A 51 10.98 4.36 -1.98
C THR A 51 11.45 5.29 -0.87
N ILE A 52 11.80 6.52 -1.24
CA ILE A 52 12.27 7.51 -0.28
C ILE A 52 11.08 8.27 0.34
N PRO A 53 11.10 8.40 1.67
CA PRO A 53 10.04 9.10 2.41
C PRO A 53 10.07 10.59 2.17
N GLY A 54 8.89 11.17 1.93
CA GLY A 54 8.81 12.60 1.68
C GLY A 54 7.74 12.95 0.66
N SER A 55 7.23 11.93 -0.04
CA SER A 55 6.21 12.14 -1.05
C SER A 55 4.87 11.59 -0.57
N ILE A 56 3.91 11.48 -1.50
CA ILE A 56 2.58 10.97 -1.19
C ILE A 56 2.46 9.50 -1.57
N VAL A 57 2.07 8.68 -0.60
CA VAL A 57 1.91 7.25 -0.83
C VAL A 57 0.44 6.84 -0.74
N THR A 58 -0.10 6.36 -1.86
CA THR A 58 -1.49 5.93 -1.91
C THR A 58 -1.59 4.41 -2.03
N ILE A 59 -2.40 3.81 -1.16
CA ILE A 59 -2.59 2.37 -1.17
C ILE A 59 -3.87 1.98 -1.91
N GLN A 60 -3.72 1.17 -2.95
CA GLN A 60 -4.87 0.73 -3.74
C GLN A 60 -5.07 -0.77 -3.61
N ILE A 61 -6.33 -1.20 -3.64
CA ILE A 61 -6.65 -2.62 -3.53
C ILE A 61 -7.55 -3.07 -4.68
N SER A 62 -7.61 -4.37 -4.90
CA SER A 62 -8.42 -4.93 -5.97
C SER A 62 -9.68 -5.60 -5.41
N ASN A 63 -10.84 -5.08 -5.80
CA ASN A 63 -12.11 -5.62 -5.33
C ASN A 63 -12.73 -6.56 -6.38
N GLY A 64 -13.28 -7.67 -5.93
CA GLY A 64 -13.90 -8.62 -6.83
C GLY A 64 -15.11 -9.30 -6.23
N ILE A 65 -15.78 -8.62 -5.30
CA ILE A 65 -16.95 -9.17 -4.65
C ILE A 65 -17.97 -9.67 -5.68
N GLY A 1 13.48 4.53 7.28
CA GLY A 1 13.89 5.58 6.38
C GLY A 1 13.59 5.24 4.93
N SER A 2 14.51 4.52 4.30
CA SER A 2 14.34 4.13 2.90
C SER A 2 14.03 2.64 2.78
N ARG A 3 13.93 2.15 1.55
CA ARG A 3 13.63 0.75 1.30
C ARG A 3 12.25 0.39 1.82
N VAL A 4 11.22 0.76 1.07
CA VAL A 4 9.84 0.46 1.46
C VAL A 4 9.55 -1.02 1.38
N PRO A 5 8.92 -1.57 2.44
CA PRO A 5 8.57 -2.98 2.52
C PRO A 5 7.45 -3.36 1.55
N SER A 6 7.54 -4.58 1.00
CA SER A 6 6.54 -5.06 0.06
C SER A 6 5.31 -5.59 0.79
N VAL A 7 4.16 -4.99 0.49
CA VAL A 7 2.90 -5.39 1.12
C VAL A 7 1.96 -6.01 0.10
N ALA A 8 2.46 -6.21 -1.12
CA ALA A 8 1.67 -6.80 -2.19
C ALA A 8 1.13 -8.18 -1.79
N GLY A 9 -0.17 -8.37 -1.91
CA GLY A 9 -0.77 -9.64 -1.55
C GLY A 9 -1.23 -9.69 -0.11
N LEU A 10 -0.70 -8.78 0.70
CA LEU A 10 -1.07 -8.72 2.11
C LEU A 10 -2.28 -7.82 2.33
N ASP A 11 -2.65 -7.64 3.59
CA ASP A 11 -3.80 -6.80 3.93
C ASP A 11 -3.39 -5.34 4.09
N VAL A 12 -4.32 -4.44 3.82
CA VAL A 12 -4.05 -3.01 3.92
C VAL A 12 -3.68 -2.63 5.35
N ASP A 13 -4.42 -3.14 6.31
CA ASP A 13 -4.16 -2.86 7.72
C ASP A 13 -2.72 -3.18 8.09
N ALA A 14 -2.19 -4.26 7.51
CA ALA A 14 -0.82 -4.67 7.77
C ALA A 14 0.17 -3.78 7.04
N ALA A 15 -0.15 -3.41 5.81
CA ALA A 15 0.70 -2.55 5.01
C ALA A 15 0.82 -1.16 5.62
N ARG A 16 -0.24 -0.74 6.30
CA ARG A 16 -0.26 0.58 6.93
C ARG A 16 0.64 0.61 8.16
N GLN A 17 0.67 -0.50 8.89
CA GLN A 17 1.49 -0.60 10.10
C GLN A 17 2.97 -0.67 9.73
N ARG A 18 3.27 -1.29 8.60
CA ARG A 18 4.66 -1.42 8.15
C ARG A 18 5.25 -0.05 7.82
N LEU A 19 4.51 0.74 7.06
CA LEU A 19 4.96 2.08 6.66
C LEU A 19 5.27 2.92 7.90
N LYS A 20 4.32 2.95 8.83
CA LYS A 20 4.49 3.73 10.06
C LYS A 20 5.72 3.26 10.84
N ASP A 21 6.03 1.98 10.72
CA ASP A 21 7.19 1.40 11.41
C ASP A 21 8.49 1.91 10.81
N ALA A 22 8.44 2.27 9.52
CA ALA A 22 9.61 2.78 8.83
C ALA A 22 9.62 4.30 8.79
N GLY A 23 8.67 4.90 9.50
CA GLY A 23 8.59 6.35 9.54
C GLY A 23 7.91 6.93 8.32
N PHE A 24 7.13 6.10 7.64
CA PHE A 24 6.41 6.53 6.43
C PHE A 24 5.02 7.03 6.78
N GLN A 25 4.31 7.57 5.79
CA GLN A 25 2.97 8.08 5.98
C GLN A 25 1.96 7.35 5.10
N VAL A 26 0.70 7.37 5.50
CA VAL A 26 -0.35 6.71 4.75
C VAL A 26 -1.43 7.70 4.30
N ALA A 27 -1.36 8.09 3.03
CA ALA A 27 -2.33 9.04 2.48
C ALA A 27 -3.75 8.58 2.74
N ASP A 28 -4.67 9.54 2.83
CA ASP A 28 -6.08 9.24 3.09
C ASP A 28 -6.81 8.96 1.78
N GLN A 29 -6.37 9.62 0.71
CA GLN A 29 -6.99 9.44 -0.60
C GLN A 29 -6.62 8.09 -1.21
N THR A 30 -7.51 7.12 -1.04
CA THR A 30 -7.27 5.77 -1.56
C THR A 30 -8.10 5.53 -2.82
N ASN A 31 -7.60 4.65 -3.69
CA ASN A 31 -8.28 4.33 -4.93
C ASN A 31 -8.52 2.82 -5.05
N SER A 32 -9.77 2.43 -5.30
CA SER A 32 -10.12 1.03 -5.44
C SER A 32 -10.54 0.71 -6.86
N VAL A 33 -10.08 -0.43 -7.37
CA VAL A 33 -10.42 -0.86 -8.72
C VAL A 33 -11.00 -2.27 -8.72
N ASN A 34 -11.79 -2.57 -9.75
CA ASN A 34 -12.42 -3.88 -9.87
C ASN A 34 -11.45 -4.90 -10.47
N SER A 35 -11.45 -6.10 -9.91
CA SER A 35 -10.56 -7.17 -10.39
C SER A 35 -11.04 -8.53 -9.90
N SER A 36 -10.22 -9.55 -10.15
CA SER A 36 -10.57 -10.91 -9.74
C SER A 36 -9.95 -11.25 -8.39
N ALA A 37 -9.67 -10.22 -7.60
CA ALA A 37 -9.07 -10.41 -6.28
C ALA A 37 -10.06 -10.07 -5.18
N LYS A 38 -9.66 -10.30 -3.93
CA LYS A 38 -10.51 -10.02 -2.78
C LYS A 38 -10.35 -8.56 -2.34
N TYR A 39 -11.48 -7.84 -2.29
CA TYR A 39 -11.47 -6.44 -1.88
C TYR A 39 -10.74 -6.27 -0.55
N GLY A 40 -9.89 -5.25 -0.48
CA GLY A 40 -9.14 -5.00 0.73
C GLY A 40 -7.70 -5.45 0.64
N GLU A 41 -7.40 -6.27 -0.37
CA GLU A 41 -6.05 -6.78 -0.57
C GLU A 41 -5.20 -5.77 -1.34
N VAL A 42 -4.01 -5.49 -0.80
CA VAL A 42 -3.10 -4.55 -1.44
C VAL A 42 -2.41 -5.17 -2.64
N VAL A 43 -2.75 -4.69 -3.84
CA VAL A 43 -2.17 -5.21 -5.07
C VAL A 43 -1.48 -4.10 -5.86
N GLY A 44 -1.87 -2.85 -5.58
CA GLY A 44 -1.28 -1.72 -6.27
C GLY A 44 -1.00 -0.56 -5.34
N THR A 45 0.19 0.02 -5.46
CA THR A 45 0.58 1.15 -4.63
C THR A 45 1.45 2.13 -5.41
N SER A 46 1.62 3.33 -4.85
CA SER A 46 2.43 4.35 -5.49
C SER A 46 3.90 3.96 -5.51
N PRO A 47 4.47 3.76 -4.31
CA PRO A 47 5.87 3.38 -4.15
C PRO A 47 6.14 1.96 -4.64
N SER A 48 7.37 1.71 -5.06
CA SER A 48 7.76 0.38 -5.55
C SER A 48 9.12 -0.03 -4.99
N GLY A 49 9.12 -1.09 -4.20
CA GLY A 49 10.35 -1.58 -3.60
C GLY A 49 11.03 -0.53 -2.74
N GLN A 50 12.09 0.07 -3.27
CA GLN A 50 12.83 1.09 -2.54
C GLN A 50 12.29 2.49 -2.86
N THR A 51 11.62 3.09 -1.88
CA THR A 51 11.05 4.42 -2.07
C THR A 51 11.52 5.37 -0.97
N ILE A 52 11.88 6.59 -1.36
CA ILE A 52 12.35 7.59 -0.40
C ILE A 52 11.19 8.36 0.20
N PRO A 53 11.20 8.53 1.53
CA PRO A 53 10.15 9.26 2.25
C PRO A 53 10.17 10.75 1.96
N GLY A 54 8.99 11.32 1.72
CA GLY A 54 8.90 12.74 1.43
C GLY A 54 7.79 13.07 0.45
N SER A 55 7.27 12.04 -0.21
CA SER A 55 6.20 12.21 -1.18
C SER A 55 4.88 11.66 -0.66
N ILE A 56 3.90 11.53 -1.53
CA ILE A 56 2.60 11.01 -1.16
C ILE A 56 2.44 9.55 -1.57
N VAL A 57 2.12 8.70 -0.60
CA VAL A 57 1.94 7.28 -0.87
C VAL A 57 0.47 6.89 -0.84
N THR A 58 -0.04 6.43 -1.98
CA THR A 58 -1.43 6.03 -2.09
C THR A 58 -1.57 4.51 -2.17
N ILE A 59 -2.41 3.95 -1.32
CA ILE A 59 -2.64 2.51 -1.31
C ILE A 59 -3.87 2.13 -2.11
N GLN A 60 -3.68 1.29 -3.12
CA GLN A 60 -4.78 0.84 -3.97
C GLN A 60 -5.01 -0.66 -3.82
N ILE A 61 -6.27 -1.05 -3.75
CA ILE A 61 -6.63 -2.45 -3.61
C ILE A 61 -7.56 -2.90 -4.75
N SER A 62 -7.68 -4.22 -4.91
CA SER A 62 -8.53 -4.78 -5.95
C SER A 62 -9.80 -5.37 -5.35
N ASN A 63 -10.95 -4.83 -5.75
CA ASN A 63 -12.24 -5.31 -5.25
C ASN A 63 -12.89 -6.26 -6.25
N GLY A 64 -13.09 -7.50 -5.84
CA GLY A 64 -13.70 -8.49 -6.71
C GLY A 64 -14.74 -9.34 -5.99
N ILE A 65 -14.30 -10.47 -5.46
CA ILE A 65 -15.19 -11.36 -4.74
C ILE A 65 -15.85 -10.66 -3.56
#